data_4C5L
#
_entry.id   4C5L
#
_cell.length_a   63.440
_cell.length_b   102.780
_cell.length_c   83.520
_cell.angle_alpha   90.00
_cell.angle_beta   90.44
_cell.angle_gamma   90.00
#
_symmetry.space_group_name_H-M   'P 1 21 1'
#
loop_
_entity.id
_entity.type
_entity.pdbx_description
1 polymer 'PHOSPHOMETHYLPYRIMIDINE KINASE'
2 non-polymer 4,5-bis(hydroxymethyl)-2-methyl-pyridin-3-ol
3 non-polymer 'SULFATE ION'
4 non-polymer 3-HYDROXY-5-(HYDROXYMETHYL)-2-METHYLISONICOTINALDEHYDE
5 water water
#
_entity_poly.entity_id   1
_entity_poly.type   'polypeptide(L)'
_entity_poly.pdbx_seq_one_letter_code
;GALKKVLTIAGSDTSAGAGMQADLKTFQELDTYGMVALTAIVTMDKDTWSHDVTPLPMDVFEKQLETALSIGPDAIKTGM
LGTEEIIKRAGEVYEASNAQYFVVDPVMVCKGEDEVLNPGNTEAMIKYLLPKATVVTPNLFEAGQLSGLGKLNSIEDMKK
AATIIFDKGAQHVIIKGGKALDQDKSYDLYYDGQTFYQLTTDMFQQSYNHGAGCTFAAATTAYLANGKSPKEAVISAKAF
VASAIKNGWKMNDFVGPVDHGAYNRIEHIDVEVTEV
;
_entity_poly.pdbx_strand_id   A,B,C,D
#
loop_
_chem_comp.id
_chem_comp.type
_chem_comp.name
_chem_comp.formula
PXL non-polymer 3-HYDROXY-5-(HYDROXYMETHYL)-2-METHYLISONICOTINALDEHYDE 'C8 H9 N O3'
SO4 non-polymer 'SULFATE ION' 'O4 S -2'
UEG non-polymer 4,5-bis(hydroxymethyl)-2-methyl-pyridin-3-ol 'C8 H11 N O3'
#
# COMPACT_ATOMS: atom_id res chain seq x y z
N GLY A 1 -2.79 14.37 4.63
CA GLY A 1 -3.24 15.05 5.90
C GLY A 1 -2.78 14.27 7.12
N ALA A 2 -2.96 14.86 8.30
CA ALA A 2 -2.51 14.29 9.55
C ALA A 2 -3.11 12.90 9.84
N LEU A 3 -2.33 12.03 10.47
CA LEU A 3 -2.82 10.74 10.97
C LEU A 3 -4.00 10.98 11.94
N LYS A 4 -5.05 10.18 11.80
CA LYS A 4 -6.19 10.26 12.71
C LYS A 4 -5.78 9.64 14.02
N LYS A 5 -6.22 10.26 15.11
CA LYS A 5 -5.86 9.80 16.43
C LYS A 5 -6.93 8.94 17.06
N VAL A 6 -6.60 7.69 17.33
CA VAL A 6 -7.57 6.74 17.80
C VAL A 6 -7.14 6.25 19.19
N LEU A 7 -8.02 6.43 20.17
CA LEU A 7 -7.74 5.98 21.52
C LEU A 7 -8.46 4.65 21.80
N THR A 8 -7.76 3.69 22.40
CA THR A 8 -8.44 2.52 22.93
C THR A 8 -8.39 2.55 24.48
N ILE A 9 -9.51 2.36 25.13
CA ILE A 9 -9.52 2.18 26.59
C ILE A 9 -9.66 0.69 26.81
N ALA A 10 -8.57 0.05 27.23
CA ALA A 10 -8.50 -1.39 27.22
C ALA A 10 -7.45 -1.86 28.19
N GLY A 11 -7.35 -3.18 28.30
CA GLY A 11 -6.32 -3.82 29.08
C GLY A 11 -5.23 -4.40 28.23
N SER A 12 -4.15 -4.74 28.91
CA SER A 12 -3.06 -5.45 28.26
C SER A 12 -3.30 -6.95 28.29
N ASP A 13 -3.35 -7.52 27.09
CA ASP A 13 -3.26 -8.94 26.90
C ASP A 13 -1.78 -9.30 26.74
N THR A 14 -1.15 -9.72 27.82
CA THR A 14 0.24 -10.07 27.73
C THR A 14 0.58 -10.95 26.53
N SER A 15 -0.28 -11.92 26.19
CA SER A 15 -0.03 -12.80 25.03
C SER A 15 0.01 -12.02 23.69
N ALA A 16 -0.52 -10.80 23.69
CA ALA A 16 -0.38 -9.80 22.62
C ALA A 16 -1.20 -10.13 21.38
N GLY A 17 -2.25 -10.96 21.57
CA GLY A 17 -3.12 -11.34 20.49
C GLY A 17 -4.35 -10.46 20.49
N ALA A 18 -4.81 -10.14 21.69
CA ALA A 18 -6.04 -9.42 21.89
C ALA A 18 -5.74 -8.14 22.68
N GLY A 19 -6.77 -7.50 23.20
CA GLY A 19 -6.61 -6.36 24.11
C GLY A 19 -5.95 -5.20 23.41
N MET A 20 -5.24 -4.39 24.18
CA MET A 20 -4.60 -3.20 23.61
C MET A 20 -3.54 -3.51 22.58
N GLN A 21 -2.90 -4.67 22.71
CA GLN A 21 -1.93 -5.08 21.76
C GLN A 21 -2.59 -5.22 20.38
N ALA A 22 -3.72 -5.90 20.32
CA ALA A 22 -4.48 -6.06 19.06
C ALA A 22 -4.93 -4.74 18.52
N ASP A 23 -5.35 -3.90 19.41
CA ASP A 23 -5.82 -2.57 19.04
C ASP A 23 -4.72 -1.75 18.37
N LEU A 24 -3.61 -1.57 19.05
CA LEU A 24 -2.50 -0.77 18.52
C LEU A 24 -1.98 -1.32 17.21
N LYS A 25 -1.79 -2.63 17.14
CA LYS A 25 -1.32 -3.26 15.96
C LYS A 25 -2.27 -3.03 14.77
N THR A 26 -3.57 -3.15 15.05
CA THR A 26 -4.61 -2.94 14.03
C THR A 26 -4.63 -1.48 13.63
N PHE A 27 -4.58 -0.62 14.62
CA PHE A 27 -4.46 0.82 14.37
C PHE A 27 -3.27 1.19 13.48
N GLN A 28 -2.12 0.51 13.68
CA GLN A 28 -0.93 0.80 12.91
C GLN A 28 -1.06 0.31 11.45
N GLU A 29 -1.56 -0.90 11.31
CA GLU A 29 -1.88 -1.48 10.01
C GLU A 29 -2.80 -0.63 9.16
N LEU A 30 -3.69 0.12 9.80
CA LEU A 30 -4.66 0.97 9.08
C LEU A 30 -4.31 2.46 9.10
N ASP A 31 -3.01 2.74 9.26
CA ASP A 31 -2.44 4.07 9.06
C ASP A 31 -3.12 5.12 9.91
N THR A 32 -3.26 4.81 11.20
CA THR A 32 -3.84 5.76 12.13
C THR A 32 -2.88 5.83 13.31
N TYR A 33 -3.00 6.87 14.12
CA TYR A 33 -2.14 7.01 15.30
C TYR A 33 -2.80 6.43 16.54
N GLY A 34 -2.33 5.27 16.97
CA GLY A 34 -3.01 4.52 18.02
C GLY A 34 -2.47 4.88 19.38
N MET A 35 -3.39 5.02 20.34
CA MET A 35 -3.04 5.30 21.74
C MET A 35 -3.87 4.42 22.64
N VAL A 36 -3.40 4.22 23.87
CA VAL A 36 -4.08 3.35 24.82
C VAL A 36 -4.10 3.99 26.22
N ALA A 37 -5.25 3.90 26.88
CA ALA A 37 -5.37 4.09 28.33
C ALA A 37 -5.63 2.69 28.92
N LEU A 38 -4.63 2.22 29.68
CA LEU A 38 -4.58 0.90 30.24
C LEU A 38 -5.49 0.84 31.46
N THR A 39 -6.36 -0.18 31.47
CA THR A 39 -7.27 -0.48 32.57
C THR A 39 -6.81 -1.60 33.46
N ALA A 40 -6.07 -2.52 32.89
CA ALA A 40 -5.68 -3.68 33.61
C ALA A 40 -4.61 -4.40 32.84
N ILE A 41 -4.00 -5.36 33.52
CA ILE A 41 -3.01 -6.22 32.91
C ILE A 41 -3.38 -7.68 33.06
N VAL A 42 -3.59 -8.35 31.93
CA VAL A 42 -3.98 -9.75 31.93
C VAL A 42 -2.76 -10.60 31.65
N THR A 43 -2.53 -11.59 32.51
CA THR A 43 -1.46 -12.53 32.37
C THR A 43 -1.98 -13.96 32.44
N MET A 44 -1.16 -14.87 31.98
CA MET A 44 -1.61 -16.22 31.80
C MET A 44 -0.54 -17.13 32.35
N ASP A 45 -0.97 -18.10 33.14
CA ASP A 45 -0.12 -19.11 33.73
C ASP A 45 0.53 -19.89 32.60
N LYS A 46 1.81 -20.22 32.73
CA LYS A 46 2.54 -20.94 31.67
C LYS A 46 2.05 -22.36 31.43
N ASP A 47 1.53 -22.99 32.50
CA ASP A 47 1.13 -24.41 32.47
C ASP A 47 -0.33 -24.62 32.07
N THR A 48 -1.22 -23.74 32.51
CA THR A 48 -2.69 -23.92 32.37
C THR A 48 -3.39 -22.83 31.56
N TRP A 49 -2.66 -21.75 31.27
CA TRP A 49 -3.24 -20.58 30.63
C TRP A 49 -4.41 -19.96 31.40
N SER A 50 -4.43 -20.19 32.71
CA SER A 50 -5.39 -19.53 33.58
C SER A 50 -5.15 -18.05 33.52
N HIS A 51 -6.21 -17.28 33.26
CA HIS A 51 -6.11 -15.83 33.19
C HIS A 51 -6.09 -15.21 34.57
N ASP A 52 -5.17 -14.27 34.77
CA ASP A 52 -5.15 -13.47 35.99
C ASP A 52 -5.30 -12.00 35.60
N VAL A 53 -6.36 -11.36 36.09
CA VAL A 53 -6.62 -9.98 35.76
C VAL A 53 -6.15 -9.09 36.90
N THR A 54 -5.06 -8.36 36.68
CA THR A 54 -4.56 -7.44 37.70
C THR A 54 -5.08 -6.08 37.31
N PRO A 55 -6.02 -5.54 38.09
CA PRO A 55 -6.44 -4.17 37.79
C PRO A 55 -5.34 -3.15 38.06
N LEU A 56 -5.40 -2.04 37.35
CA LEU A 56 -4.53 -0.93 37.59
C LEU A 56 -5.25 0.02 38.56
N PRO A 57 -4.51 0.69 39.45
CA PRO A 57 -5.08 1.69 40.37
C PRO A 57 -5.84 2.76 39.60
N MET A 58 -6.94 3.22 40.17
CA MET A 58 -7.80 4.20 39.52
C MET A 58 -7.06 5.49 39.26
N ASP A 59 -6.17 5.89 40.17
CA ASP A 59 -5.39 7.11 39.95
C ASP A 59 -4.55 7.06 38.66
N VAL A 60 -3.89 5.95 38.37
CA VAL A 60 -3.09 5.95 37.15
C VAL A 60 -4.02 5.87 35.93
N PHE A 61 -5.19 5.26 36.10
CA PHE A 61 -6.17 5.16 35.01
C PHE A 61 -6.57 6.56 34.61
N GLU A 62 -6.85 7.40 35.58
CA GLU A 62 -7.29 8.77 35.34
C GLU A 62 -6.19 9.70 34.81
N LYS A 63 -4.95 9.46 35.19
CA LYS A 63 -3.82 10.24 34.68
C LYS A 63 -3.61 9.94 33.18
N GLN A 64 -3.73 8.67 32.82
CA GLN A 64 -3.70 8.25 31.44
C GLN A 64 -4.81 8.87 30.58
N LEU A 65 -6.03 8.90 31.12
CA LEU A 65 -7.15 9.56 30.44
C LEU A 65 -6.91 11.05 30.25
N GLU A 66 -6.44 11.74 31.29
CA GLU A 66 -6.08 13.14 31.15
C GLU A 66 -5.12 13.47 29.99
N THR A 67 -4.07 12.68 29.86
CA THR A 67 -3.09 12.82 28.78
C THR A 67 -3.70 12.47 27.43
N ALA A 68 -4.44 11.36 27.35
CA ALA A 68 -5.04 10.94 26.08
C ALA A 68 -6.05 11.95 25.59
N LEU A 69 -6.82 12.50 26.53
CA LEU A 69 -7.82 13.50 26.20
C LEU A 69 -7.21 14.83 25.77
N SER A 70 -6.05 15.20 26.33
CA SER A 70 -5.44 16.46 25.93
C SER A 70 -4.93 16.34 24.50
N ILE A 71 -4.52 15.15 24.11
CA ILE A 71 -4.03 14.94 22.76
C ILE A 71 -5.18 15.05 21.74
N GLY A 72 -6.37 14.64 22.16
CA GLY A 72 -7.60 14.83 21.37
C GLY A 72 -7.89 13.74 20.38
N PRO A 73 -8.46 12.61 20.84
CA PRO A 73 -8.76 11.51 19.91
C PRO A 73 -9.81 11.86 18.88
N ASP A 74 -9.66 11.32 17.67
CA ASP A 74 -10.69 11.49 16.64
C ASP A 74 -11.75 10.37 16.78
N ALA A 75 -11.34 9.26 17.40
CA ALA A 75 -12.18 8.11 17.63
C ALA A 75 -11.75 7.41 18.91
N ILE A 76 -12.70 6.83 19.63
CA ILE A 76 -12.41 6.04 20.83
C ILE A 76 -13.06 4.68 20.73
N LYS A 77 -12.28 3.65 21.02
CA LYS A 77 -12.77 2.32 21.15
C LYS A 77 -12.67 1.92 22.62
N THR A 78 -13.62 1.09 23.08
CA THR A 78 -13.46 0.40 24.38
C THR A 78 -13.27 -1.10 24.23
N GLY A 79 -12.47 -1.63 25.12
CA GLY A 79 -12.24 -3.07 25.25
C GLY A 79 -12.59 -3.42 26.70
N MET A 80 -11.63 -3.97 27.41
CA MET A 80 -11.86 -4.48 28.76
C MET A 80 -11.84 -3.34 29.70
N LEU A 81 -12.92 -3.25 30.45
CA LEU A 81 -13.12 -2.16 31.37
C LEU A 81 -13.17 -2.69 32.82
N GLY A 82 -13.84 -3.80 33.08
CA GLY A 82 -13.57 -4.53 34.31
C GLY A 82 -14.38 -4.07 35.50
N THR A 83 -14.65 -2.77 35.61
CA THR A 83 -15.53 -2.27 36.66
C THR A 83 -16.57 -1.28 36.13
N GLU A 84 -17.67 -1.14 36.87
CA GLU A 84 -18.77 -0.22 36.51
C GLU A 84 -18.31 1.25 36.55
N GLU A 85 -17.44 1.57 37.48
CA GLU A 85 -16.83 2.88 37.50
C GLU A 85 -15.89 3.13 36.28
N ILE A 86 -15.10 2.13 35.87
CA ILE A 86 -14.29 2.27 34.64
C ILE A 86 -15.23 2.46 33.43
N ILE A 87 -16.36 1.73 33.44
CA ILE A 87 -17.33 1.78 32.35
C ILE A 87 -17.90 3.18 32.18
N LYS A 88 -18.23 3.81 33.30
CA LYS A 88 -18.82 5.14 33.32
C LYS A 88 -17.84 6.21 32.87
N ARG A 89 -16.60 6.11 33.33
CA ARG A 89 -15.58 7.10 32.99
C ARG A 89 -15.29 7.03 31.50
N ALA A 90 -15.26 5.81 30.97
CA ALA A 90 -15.03 5.64 29.53
C ALA A 90 -16.06 6.38 28.67
N GLY A 91 -17.32 6.28 29.04
CA GLY A 91 -18.35 7.03 28.34
C GLY A 91 -18.17 8.52 28.54
N GLU A 92 -17.89 8.94 29.77
CA GLU A 92 -17.70 10.35 30.07
C GLU A 92 -16.53 10.96 29.29
N VAL A 93 -15.45 10.21 29.10
CA VAL A 93 -14.33 10.78 28.37
C VAL A 93 -14.67 10.87 26.88
N TYR A 94 -15.43 9.89 26.36
CA TYR A 94 -15.95 10.04 25.00
C TYR A 94 -16.71 11.35 24.85
N GLU A 95 -17.70 11.56 25.72
CA GLU A 95 -18.50 12.77 25.67
C GLU A 95 -17.67 14.05 25.90
N ALA A 96 -16.63 13.96 26.72
CA ALA A 96 -15.80 15.14 26.98
C ALA A 96 -14.89 15.48 25.80
N SER A 97 -14.50 14.48 25.02
CA SER A 97 -13.64 14.71 23.88
C SER A 97 -14.41 15.30 22.71
N ASN A 98 -13.68 15.68 21.68
CA ASN A 98 -14.29 16.05 20.40
C ASN A 98 -14.36 14.88 19.44
N ALA A 99 -14.22 13.66 19.96
CA ALA A 99 -14.28 12.48 19.11
C ALA A 99 -15.71 12.28 18.55
N GLN A 100 -15.79 11.90 17.29
CA GLN A 100 -17.05 11.74 16.57
C GLN A 100 -17.49 10.24 16.54
N TYR A 101 -16.59 9.31 16.87
CA TYR A 101 -16.87 7.89 16.79
C TYR A 101 -16.54 7.15 18.09
N PHE A 102 -17.48 6.34 18.58
CA PHE A 102 -17.30 5.59 19.82
C PHE A 102 -17.66 4.17 19.46
N VAL A 103 -16.67 3.29 19.52
CA VAL A 103 -16.90 1.89 19.21
C VAL A 103 -16.72 1.13 20.50
N VAL A 104 -17.74 0.38 20.88
CA VAL A 104 -17.77 -0.39 22.13
C VAL A 104 -17.74 -1.88 21.83
N ASP A 105 -16.63 -2.51 22.17
CA ASP A 105 -16.52 -3.94 22.12
C ASP A 105 -16.79 -4.33 23.57
N PRO A 106 -17.98 -4.89 23.82
CA PRO A 106 -18.44 -5.11 25.18
C PRO A 106 -17.82 -6.40 25.72
N VAL A 107 -16.51 -6.41 25.93
CA VAL A 107 -15.82 -7.65 26.27
C VAL A 107 -16.19 -8.13 27.67
N MET A 108 -16.50 -9.43 27.69
CA MET A 108 -16.88 -10.17 28.88
C MET A 108 -16.07 -11.46 28.99
N VAL A 109 -15.59 -12.00 27.86
CA VAL A 109 -14.81 -13.25 27.83
C VAL A 109 -13.66 -13.17 26.82
N CYS A 110 -12.60 -13.91 27.15
CA CYS A 110 -11.39 -14.04 26.38
C CYS A 110 -11.30 -15.45 25.83
N LYS A 111 -10.77 -15.54 24.63
CA LYS A 111 -10.44 -16.82 24.05
C LYS A 111 -9.42 -17.48 25.02
N GLY A 112 -9.69 -18.74 25.39
CA GLY A 112 -8.85 -19.49 26.35
C GLY A 112 -9.23 -19.34 27.82
N GLU A 113 -9.91 -18.22 28.16
CA GLU A 113 -10.36 -17.92 29.55
C GLU A 113 -9.24 -18.11 30.62
N ASN A 118 -19.70 -10.48 35.69
CA ASN A 118 -20.54 -9.57 36.46
C ASN A 118 -21.67 -8.97 35.59
N PRO A 119 -22.91 -9.46 35.77
CA PRO A 119 -24.08 -8.81 35.13
C PRO A 119 -24.35 -7.38 35.64
N GLY A 120 -23.73 -7.01 36.76
CA GLY A 120 -23.64 -5.59 37.16
C GLY A 120 -22.83 -4.76 36.18
N ASN A 121 -21.77 -5.36 35.63
CA ASN A 121 -21.01 -4.74 34.52
C ASN A 121 -21.88 -4.66 33.27
N THR A 122 -22.61 -5.74 32.97
CA THR A 122 -23.55 -5.75 31.85
C THR A 122 -24.55 -4.59 31.95
N GLU A 123 -25.07 -4.33 33.15
CA GLU A 123 -25.98 -3.21 33.37
C GLU A 123 -25.26 -1.90 33.19
N ALA A 124 -24.05 -1.82 33.68
CA ALA A 124 -23.24 -0.64 33.46
C ALA A 124 -22.99 -0.42 31.94
N MET A 125 -22.67 -1.45 31.17
CA MET A 125 -22.51 -1.22 29.73
C MET A 125 -23.84 -0.65 29.14
N ILE A 126 -24.97 -1.21 29.57
CA ILE A 126 -26.25 -0.84 28.98
C ILE A 126 -26.55 0.63 29.30
N LYS A 127 -26.27 1.06 30.53
CA LYS A 127 -26.55 2.43 30.96
C LYS A 127 -25.53 3.38 30.37
N TYR A 128 -24.25 3.03 30.41
CA TYR A 128 -23.24 4.06 30.11
C TYR A 128 -22.73 4.08 28.69
N LEU A 129 -22.60 2.92 28.07
CA LEU A 129 -21.92 2.85 26.81
C LEU A 129 -22.86 2.81 25.62
N LEU A 130 -23.87 1.98 25.70
CA LEU A 130 -24.77 1.74 24.59
C LEU A 130 -25.44 3.01 24.10
N PRO A 131 -25.80 3.92 24.99
CA PRO A 131 -26.44 5.14 24.45
C PRO A 131 -25.49 6.03 23.69
N LYS A 132 -24.18 5.81 23.85
CA LYS A 132 -23.18 6.68 23.22
C LYS A 132 -22.53 6.01 22.03
N ALA A 133 -22.78 4.71 21.86
CA ALA A 133 -22.04 3.91 20.93
C ALA A 133 -22.42 4.21 19.47
N THR A 134 -21.41 4.56 18.68
CA THR A 134 -21.58 4.59 17.24
C THR A 134 -21.79 3.17 16.78
N VAL A 135 -20.93 2.30 17.27
CA VAL A 135 -21.01 0.88 16.95
C VAL A 135 -20.76 0.08 18.20
N VAL A 136 -21.54 -0.98 18.38
CA VAL A 136 -21.30 -1.94 19.45
C VAL A 136 -21.12 -3.31 18.81
N THR A 137 -20.14 -4.07 19.31
CA THR A 137 -19.71 -5.26 18.64
C THR A 137 -19.72 -6.55 19.46
N PRO A 138 -20.88 -6.93 20.02
CA PRO A 138 -20.92 -8.15 20.83
C PRO A 138 -20.65 -9.47 20.07
N ASN A 139 -20.02 -10.41 20.74
CA ASN A 139 -20.08 -11.79 20.27
C ASN A 139 -21.44 -12.34 20.67
N LEU A 140 -21.67 -13.62 20.42
CA LEU A 140 -22.99 -14.18 20.64
C LEU A 140 -23.44 -14.12 22.12
N PHE A 141 -22.54 -14.49 23.05
CA PHE A 141 -22.82 -14.45 24.50
C PHE A 141 -23.09 -13.02 24.97
N GLU A 142 -22.28 -12.07 24.52
CA GLU A 142 -22.35 -10.72 25.04
C GLU A 142 -23.64 -10.09 24.56
N ALA A 143 -24.05 -10.40 23.33
CA ALA A 143 -25.33 -9.87 22.77
C ALA A 143 -26.57 -10.41 23.49
N GLY A 144 -26.55 -11.70 23.83
CA GLY A 144 -27.57 -12.30 24.66
C GLY A 144 -27.67 -11.65 26.02
N GLN A 145 -26.54 -11.20 26.57
CA GLN A 145 -26.56 -10.56 27.89
C GLN A 145 -27.06 -9.14 27.76
N LEU A 146 -26.51 -8.38 26.81
CA LEU A 146 -26.87 -6.96 26.67
C LEU A 146 -28.33 -6.79 26.34
N SER A 147 -28.88 -7.76 25.62
CA SER A 147 -30.29 -7.75 25.20
C SER A 147 -31.22 -8.32 26.27
N GLY A 148 -30.69 -9.11 27.22
CA GLY A 148 -31.50 -9.81 28.20
C GLY A 148 -32.20 -11.06 27.67
N LEU A 149 -31.89 -11.45 26.44
CA LEU A 149 -32.51 -12.63 25.85
C LEU A 149 -31.84 -13.94 26.26
N GLY A 150 -30.65 -13.88 26.85
CA GLY A 150 -29.95 -15.12 27.25
C GLY A 150 -29.33 -15.73 26.02
N LYS A 151 -29.22 -17.04 25.95
CA LYS A 151 -28.52 -17.68 24.83
C LYS A 151 -29.25 -17.56 23.48
N LEU A 152 -28.60 -16.93 22.51
CA LEU A 152 -29.14 -16.72 21.16
C LEU A 152 -28.78 -17.90 20.28
N ASN A 153 -29.78 -18.50 19.66
CA ASN A 153 -29.61 -19.77 18.96
C ASN A 153 -29.92 -19.72 17.46
N SER A 154 -30.23 -18.53 16.94
CA SER A 154 -30.69 -18.40 15.56
C SER A 154 -30.59 -16.97 15.07
N ILE A 155 -30.65 -16.80 13.74
CA ILE A 155 -30.65 -15.45 13.16
C ILE A 155 -31.88 -14.69 13.64
N GLU A 156 -32.97 -15.39 13.93
CA GLU A 156 -34.16 -14.72 14.50
C GLU A 156 -33.89 -14.18 15.93
N ASP A 157 -33.20 -14.95 16.76
CA ASP A 157 -32.84 -14.48 18.10
C ASP A 157 -31.85 -13.32 18.00
N MET A 158 -30.89 -13.43 17.07
CA MET A 158 -29.91 -12.37 16.85
C MET A 158 -30.57 -11.08 16.35
N LYS A 159 -31.52 -11.20 15.42
CA LYS A 159 -32.31 -10.04 14.98
C LYS A 159 -32.99 -9.35 16.18
N LYS A 160 -33.63 -10.14 17.04
CA LYS A 160 -34.26 -9.63 18.23
C LYS A 160 -33.26 -8.92 19.13
N ALA A 161 -32.15 -9.61 19.42
CA ALA A 161 -31.09 -9.02 20.23
C ALA A 161 -30.63 -7.68 19.67
N ALA A 162 -30.48 -7.63 18.36
CA ALA A 162 -29.93 -6.45 17.70
C ALA A 162 -30.91 -5.30 17.78
N THR A 163 -32.19 -5.65 17.70
CA THR A 163 -33.23 -4.68 17.80
C THR A 163 -33.21 -4.09 19.20
N ILE A 164 -33.08 -4.95 20.20
CA ILE A 164 -33.16 -4.51 21.60
C ILE A 164 -31.97 -3.61 21.90
N ILE A 165 -30.79 -4.05 21.45
CA ILE A 165 -29.55 -3.31 21.67
C ILE A 165 -29.55 -1.99 20.92
N PHE A 166 -30.12 -1.94 19.72
CA PHE A 166 -30.27 -0.71 18.98
C PHE A 166 -31.19 0.23 19.73
N ASP A 167 -32.28 -0.31 20.28
CA ASP A 167 -33.28 0.47 21.02
C ASP A 167 -32.73 1.05 22.34
N LYS A 168 -31.72 0.41 22.90
CA LYS A 168 -30.99 0.93 24.06
C LYS A 168 -30.03 2.09 23.70
N GLY A 169 -29.88 2.39 22.40
CA GLY A 169 -29.22 3.61 21.91
C GLY A 169 -28.00 3.44 21.01
N ALA A 170 -27.56 2.21 20.77
CA ALA A 170 -26.43 2.00 19.89
C ALA A 170 -26.87 2.24 18.44
N GLN A 171 -26.05 2.94 17.66
CA GLN A 171 -26.48 3.37 16.33
C GLN A 171 -26.30 2.29 15.32
N HIS A 172 -25.31 1.43 15.54
CA HIS A 172 -25.04 0.36 14.63
C HIS A 172 -24.69 -0.81 15.51
N VAL A 173 -25.17 -2.00 15.18
CA VAL A 173 -24.96 -3.15 16.02
C VAL A 173 -24.44 -4.26 15.15
N ILE A 174 -23.35 -4.88 15.57
CA ILE A 174 -22.94 -6.11 14.93
C ILE A 174 -22.78 -7.23 15.94
N ILE A 175 -23.50 -8.32 15.69
CA ILE A 175 -23.40 -9.50 16.51
C ILE A 175 -22.57 -10.49 15.71
N LYS A 176 -21.43 -10.88 16.27
CA LYS A 176 -20.61 -11.92 15.70
C LYS A 176 -21.24 -13.27 16.08
N GLY A 177 -21.56 -14.08 15.08
CA GLY A 177 -22.26 -15.35 15.27
C GLY A 177 -21.46 -16.34 16.06
N GLY A 178 -20.18 -16.48 15.76
CA GLY A 178 -19.31 -17.47 16.42
C GLY A 178 -19.85 -18.89 16.38
N LYS A 185 -22.48 -21.83 9.36
CA LYS A 185 -21.28 -21.26 8.75
C LYS A 185 -20.78 -20.04 9.56
N SER A 186 -20.23 -19.02 8.90
CA SER A 186 -19.52 -17.93 9.58
C SER A 186 -20.24 -16.57 9.55
N TYR A 187 -21.38 -16.49 10.24
CA TYR A 187 -22.27 -15.33 10.12
C TYR A 187 -22.07 -14.27 11.20
N ASP A 188 -21.95 -13.02 10.76
CA ASP A 188 -22.19 -11.85 11.62
C ASP A 188 -23.45 -11.14 11.14
N LEU A 189 -24.21 -10.61 12.08
CA LEU A 189 -25.41 -9.87 11.78
C LEU A 189 -25.23 -8.39 12.09
N TYR A 190 -25.35 -7.58 11.05
CA TYR A 190 -25.26 -6.13 11.15
C TYR A 190 -26.64 -5.46 10.99
N TYR A 191 -26.91 -4.53 11.89
CA TYR A 191 -28.17 -3.86 11.97
C TYR A 191 -27.95 -2.39 12.25
N ASP A 192 -28.54 -1.55 11.40
CA ASP A 192 -28.41 -0.10 11.48
C ASP A 192 -29.70 0.59 11.87
N GLY A 193 -30.74 -0.19 12.21
CA GLY A 193 -32.04 0.38 12.57
C GLY A 193 -33.07 0.26 11.46
N GLN A 194 -32.60 0.00 10.24
CA GLN A 194 -33.46 -0.10 9.09
C GLN A 194 -33.32 -1.46 8.44
N THR A 195 -32.08 -1.87 8.20
CA THR A 195 -31.80 -3.08 7.47
C THR A 195 -30.91 -4.03 8.29
N PHE A 196 -31.22 -5.32 8.18
CA PHE A 196 -30.40 -6.38 8.72
C PHE A 196 -29.56 -6.94 7.59
N TYR A 197 -28.25 -6.91 7.77
CA TYR A 197 -27.33 -7.45 6.79
C TYR A 197 -26.61 -8.62 7.42
N GLN A 198 -26.65 -9.76 6.76
CA GLN A 198 -25.87 -10.88 7.20
C GLN A 198 -24.50 -10.78 6.51
N LEU A 199 -23.42 -10.81 7.29
CA LEU A 199 -22.08 -10.77 6.73
C LEU A 199 -21.38 -12.13 6.84
N THR A 200 -20.84 -12.62 5.73
CA THR A 200 -20.31 -13.97 5.72
C THR A 200 -18.99 -14.08 4.93
N THR A 201 -18.14 -15.00 5.36
CA THR A 201 -17.01 -15.46 4.57
C THR A 201 -16.87 -16.97 4.85
N ASP A 202 -15.93 -17.63 4.20
CA ASP A 202 -15.63 -19.04 4.52
C ASP A 202 -15.13 -19.16 5.96
N MET A 203 -15.27 -20.34 6.56
CA MET A 203 -14.90 -20.57 7.97
C MET A 203 -13.47 -21.08 8.13
N PHE A 204 -12.66 -20.31 8.87
CA PHE A 204 -11.27 -20.65 9.16
C PHE A 204 -11.02 -20.49 10.67
N SER A 207 -9.65 -21.46 13.80
CA SER A 207 -9.45 -21.75 15.23
C SER A 207 -8.30 -20.96 15.91
N TYR A 208 -7.45 -20.31 15.11
CA TYR A 208 -6.49 -19.34 15.68
C TYR A 208 -7.16 -18.01 15.51
N ASN A 209 -8.16 -17.81 16.35
CA ASN A 209 -9.01 -16.64 16.31
C ASN A 209 -8.86 -15.77 17.56
N HIS A 210 -7.81 -16.01 18.35
CA HIS A 210 -7.58 -15.18 19.53
C HIS A 210 -7.29 -13.72 19.11
N GLY A 211 -8.10 -12.82 19.65
CA GLY A 211 -8.08 -11.40 19.32
C GLY A 211 -8.94 -11.00 18.12
N ALA A 212 -9.75 -11.92 17.61
CA ALA A 212 -10.58 -11.58 16.43
C ALA A 212 -11.56 -10.43 16.74
N GLY A 213 -12.20 -10.47 17.89
CA GLY A 213 -13.18 -9.44 18.26
C GLY A 213 -12.56 -8.06 18.46
N CYS A 214 -11.43 -8.01 19.18
CA CYS A 214 -10.70 -6.77 19.42
C CYS A 214 -10.21 -6.19 18.09
N THR A 215 -9.60 -7.05 17.28
CA THR A 215 -9.16 -6.68 15.94
C THR A 215 -10.33 -6.15 15.08
N PHE A 216 -11.44 -6.89 15.03
CA PHE A 216 -12.67 -6.42 14.36
C PHE A 216 -13.13 -5.03 14.86
N ALA A 217 -13.26 -4.85 16.17
CA ALA A 217 -13.67 -3.55 16.71
C ALA A 217 -12.60 -2.47 16.47
N ALA A 218 -11.34 -2.84 16.60
CA ALA A 218 -10.27 -1.91 16.37
C ALA A 218 -10.26 -1.46 14.88
N ALA A 219 -10.47 -2.38 13.97
CA ALA A 219 -10.44 -2.04 12.52
C ALA A 219 -11.66 -1.16 12.17
N THR A 220 -12.81 -1.51 12.74
CA THR A 220 -14.02 -0.72 12.59
C THR A 220 -13.75 0.72 13.00
N THR A 221 -13.19 0.90 14.18
CA THR A 221 -12.83 2.21 14.70
C THR A 221 -11.88 2.99 13.79
N ALA A 222 -10.83 2.37 13.28
CA ALA A 222 -9.90 3.07 12.39
C ALA A 222 -10.54 3.46 11.04
N TYR A 223 -11.33 2.55 10.48
CA TYR A 223 -12.06 2.83 9.25
C TYR A 223 -13.01 4.01 9.39
N LEU A 224 -13.74 4.02 10.49
CA LEU A 224 -14.60 5.13 10.80
C LEU A 224 -13.77 6.40 10.90
N ALA A 225 -12.59 6.34 11.50
CA ALA A 225 -11.86 7.58 11.77
C ALA A 225 -11.33 8.11 10.45
N ASN A 226 -10.98 7.19 9.56
CA ASN A 226 -10.44 7.53 8.23
C ASN A 226 -11.52 7.83 7.18
N GLY A 227 -12.79 7.89 7.60
CA GLY A 227 -13.82 8.51 6.75
C GLY A 227 -14.87 7.58 6.12
N LYS A 228 -14.77 6.28 6.36
CA LYS A 228 -15.76 5.33 5.88
C LYS A 228 -17.05 5.39 6.67
N SER A 229 -18.17 5.29 5.96
CA SER A 229 -19.48 5.12 6.59
C SER A 229 -19.49 3.93 7.55
N PRO A 230 -20.42 3.93 8.51
CA PRO A 230 -20.41 2.79 9.42
C PRO A 230 -20.63 1.45 8.69
N LYS A 231 -21.49 1.43 7.68
CA LYS A 231 -21.71 0.21 6.91
C LYS A 231 -20.40 -0.29 6.28
N GLU A 232 -19.72 0.63 5.59
CA GLU A 232 -18.49 0.28 4.90
C GLU A 232 -17.39 -0.06 5.88
N ALA A 233 -17.33 0.66 6.99
CA ALA A 233 -16.34 0.36 8.05
C ALA A 233 -16.47 -1.09 8.55
N VAL A 234 -17.70 -1.52 8.80
CA VAL A 234 -18.01 -2.86 9.31
CA VAL A 234 -17.92 -2.87 9.35
C VAL A 234 -17.65 -3.95 8.30
N ILE A 235 -18.11 -3.73 7.07
CA ILE A 235 -17.82 -4.66 5.96
C ILE A 235 -16.28 -4.75 5.81
N SER A 236 -15.62 -3.60 5.81
CA SER A 236 -14.15 -3.56 5.67
C SER A 236 -13.42 -4.20 6.86
N ALA A 237 -13.95 -3.99 8.07
CA ALA A 237 -13.38 -4.60 9.25
C ALA A 237 -13.54 -6.10 9.23
N LYS A 238 -14.69 -6.58 8.73
CA LYS A 238 -14.90 -8.01 8.57
C LYS A 238 -13.91 -8.67 7.61
N ALA A 239 -13.62 -8.02 6.47
CA ALA A 239 -12.61 -8.54 5.55
C ALA A 239 -11.24 -8.53 6.25
N PHE A 240 -10.94 -7.43 6.93
CA PHE A 240 -9.68 -7.24 7.67
C PHE A 240 -9.49 -8.38 8.68
N VAL A 241 -10.48 -8.62 9.53
CA VAL A 241 -10.39 -9.67 10.55
C VAL A 241 -10.42 -11.05 9.92
N ALA A 242 -11.15 -11.23 8.80
CA ALA A 242 -11.21 -12.56 8.18
C ALA A 242 -9.82 -13.00 7.68
N SER A 243 -9.06 -12.06 7.09
CA SER A 243 -7.70 -12.34 6.69
CA SER A 243 -7.70 -12.36 6.69
C SER A 243 -6.86 -12.67 7.92
N ALA A 244 -7.03 -11.88 8.97
CA ALA A 244 -6.25 -12.08 10.21
C ALA A 244 -6.53 -13.45 10.81
N ILE A 245 -7.81 -13.80 10.88
CA ILE A 245 -8.22 -15.12 11.39
C ILE A 245 -7.63 -16.21 10.51
N LYS A 246 -7.80 -16.09 9.19
CA LYS A 246 -7.40 -17.16 8.28
C LYS A 246 -5.91 -17.43 8.44
N ASN A 247 -5.15 -16.39 8.73
CA ASN A 247 -3.72 -16.50 8.87
C ASN A 247 -3.22 -16.51 10.31
N GLY A 248 -4.11 -16.90 11.23
CA GLY A 248 -3.71 -17.07 12.62
C GLY A 248 -2.71 -18.22 12.79
N TRP A 249 -1.99 -18.22 13.89
CA TRP A 249 -0.97 -19.21 14.12
C TRP A 249 -1.06 -19.74 15.54
N LYS A 250 -0.58 -20.98 15.72
CA LYS A 250 -0.63 -21.68 17.00
C LYS A 250 0.47 -21.20 17.96
N MET A 251 0.05 -20.57 19.05
CA MET A 251 0.96 -20.04 20.03
C MET A 251 1.34 -21.09 21.06
N ASN A 252 0.34 -21.78 21.56
CA ASN A 252 0.54 -22.96 22.42
C ASN A 252 -0.65 -23.91 22.27
N ASP A 253 -0.77 -24.86 23.19
CA ASP A 253 -1.89 -25.82 23.13
C ASP A 253 -3.24 -25.23 23.54
N PHE A 254 -3.25 -23.98 24.03
CA PHE A 254 -4.48 -23.34 24.50
C PHE A 254 -5.03 -22.32 23.55
N VAL A 255 -4.16 -21.69 22.78
CA VAL A 255 -4.53 -20.52 22.02
C VAL A 255 -3.67 -20.28 20.78
N GLY A 256 -4.19 -19.47 19.88
CA GLY A 256 -3.45 -18.99 18.71
C GLY A 256 -4.01 -17.63 18.30
N PRO A 257 -3.17 -16.61 18.19
CA PRO A 257 -3.71 -15.31 17.84
C PRO A 257 -3.99 -15.17 16.33
N VAL A 258 -4.83 -14.21 16.03
CA VAL A 258 -5.02 -13.75 14.69
C VAL A 258 -3.73 -13.06 14.19
N ASP A 259 -3.55 -13.04 12.88
CA ASP A 259 -2.45 -12.30 12.30
C ASP A 259 -2.95 -10.93 11.87
N HIS A 260 -2.71 -9.95 12.71
CA HIS A 260 -3.30 -8.63 12.55
C HIS A 260 -2.91 -7.99 11.24
N GLY A 261 -1.75 -8.36 10.71
CA GLY A 261 -1.26 -7.74 9.47
C GLY A 261 -1.56 -8.48 8.18
N ALA A 262 -2.37 -9.54 8.28
CA ALA A 262 -2.59 -10.47 7.18
C ALA A 262 -3.34 -9.83 6.01
N TYR A 263 -4.27 -8.94 6.30
CA TYR A 263 -5.02 -8.24 5.24
C TYR A 263 -4.07 -7.51 4.30
N ASN A 264 -3.17 -6.71 4.86
CA ASN A 264 -2.21 -5.97 4.08
C ASN A 264 -1.09 -6.83 3.53
N ARG A 265 -0.69 -7.84 4.26
CA ARG A 265 0.53 -8.58 3.88
C ARG A 265 0.28 -9.83 3.03
N ILE A 266 -0.80 -10.57 3.34
CA ILE A 266 -1.00 -11.91 2.79
C ILE A 266 -2.07 -11.96 1.70
N GLU A 267 -3.30 -11.58 2.05
CA GLU A 267 -4.42 -11.73 1.14
C GLU A 267 -5.66 -10.93 1.56
N HIS A 268 -6.52 -10.69 0.59
CA HIS A 268 -7.77 -9.98 0.83
C HIS A 268 -8.92 -10.94 0.59
N ILE A 269 -9.77 -11.11 1.61
CA ILE A 269 -10.91 -12.05 1.57
C ILE A 269 -12.20 -11.28 1.30
N ASP A 270 -13.01 -11.81 0.40
CA ASP A 270 -14.27 -11.16 0.02
C ASP A 270 -15.34 -11.36 1.09
N VAL A 271 -16.10 -10.31 1.38
CA VAL A 271 -17.26 -10.48 2.28
C VAL A 271 -18.55 -10.52 1.47
N GLU A 272 -19.34 -11.58 1.68
CA GLU A 272 -20.69 -11.62 1.13
C GLU A 272 -21.65 -10.89 2.07
N VAL A 273 -22.41 -9.96 1.51
CA VAL A 273 -23.38 -9.16 2.24
C VAL A 273 -24.76 -9.48 1.67
N THR A 274 -25.70 -9.82 2.53
CA THR A 274 -27.07 -10.17 2.12
C THR A 274 -28.04 -9.58 3.11
N GLU A 275 -29.15 -9.01 2.62
CA GLU A 275 -30.20 -8.52 3.49
C GLU A 275 -30.99 -9.69 4.00
N VAL A 276 -31.36 -9.62 5.28
CA VAL A 276 -32.16 -10.65 5.92
C VAL A 276 -33.22 -9.99 6.80
N GLY B 1 -6.47 18.20 -35.15
CA GLY B 1 -6.87 18.67 -33.79
C GLY B 1 -5.98 18.06 -32.74
N ALA B 2 -6.06 18.59 -31.51
CA ALA B 2 -5.30 18.00 -30.41
C ALA B 2 -5.81 16.59 -30.20
N LEU B 3 -5.01 15.76 -29.56
CA LEU B 3 -5.47 14.45 -29.12
C LEU B 3 -6.59 14.63 -28.10
N LYS B 4 -7.63 13.82 -28.21
CA LYS B 4 -8.69 13.85 -27.21
C LYS B 4 -8.20 13.09 -25.99
N LYS B 5 -8.45 13.64 -24.81
CA LYS B 5 -8.00 13.02 -23.58
C LYS B 5 -9.06 12.11 -22.98
N VAL B 6 -8.73 10.83 -22.81
CA VAL B 6 -9.66 9.84 -22.29
C VAL B 6 -9.17 9.23 -20.96
N LEU B 7 -10.03 9.28 -19.96
CA LEU B 7 -9.70 8.83 -18.62
C LEU B 7 -10.45 7.53 -18.37
N THR B 8 -9.74 6.53 -17.89
CA THR B 8 -10.40 5.38 -17.34
C THR B 8 -10.22 5.33 -15.81
N ILE B 9 -11.29 4.96 -15.12
CA ILE B 9 -11.28 4.81 -13.66
C ILE B 9 -11.47 3.35 -13.45
N ALA B 10 -10.37 2.70 -13.15
CA ALA B 10 -10.26 1.30 -13.37
C ALA B 10 -9.19 0.73 -12.49
N GLY B 11 -9.15 -0.61 -12.41
CA GLY B 11 -8.07 -1.32 -11.73
C GLY B 11 -7.00 -1.86 -12.64
N SER B 12 -5.91 -2.30 -12.04
CA SER B 12 -4.83 -2.86 -12.80
C SER B 12 -5.00 -4.39 -12.84
N ASP B 13 -5.09 -4.91 -14.06
CA ASP B 13 -5.03 -6.34 -14.31
C ASP B 13 -3.56 -6.68 -14.58
N THR B 14 -2.89 -7.24 -13.59
CA THR B 14 -1.47 -7.51 -13.75
C THR B 14 -1.14 -8.34 -14.99
N SER B 15 -2.00 -9.30 -15.34
CA SER B 15 -1.81 -10.08 -16.57
C SER B 15 -1.91 -9.20 -17.84
N ALA B 16 -2.49 -8.01 -17.72
CA ALA B 16 -2.46 -6.96 -18.75
C ALA B 16 -3.33 -7.19 -20.01
N GLY B 17 -4.32 -8.07 -19.92
CA GLY B 17 -5.29 -8.23 -20.99
C GLY B 17 -6.52 -7.33 -20.83
N ALA B 18 -6.81 -7.01 -19.56
CA ALA B 18 -8.04 -6.37 -19.16
C ALA B 18 -7.75 -5.08 -18.37
N GLY B 19 -8.77 -4.62 -17.70
CA GLY B 19 -8.63 -3.52 -16.79
C GLY B 19 -7.99 -2.37 -17.48
N MET B 20 -7.22 -1.60 -16.73
CA MET B 20 -6.65 -0.38 -17.27
C MET B 20 -5.63 -0.62 -18.35
N GLN B 21 -4.97 -1.78 -18.29
CA GLN B 21 -4.05 -2.17 -19.31
C GLN B 21 -4.75 -2.26 -20.66
N ALA B 22 -5.85 -2.99 -20.75
CA ALA B 22 -6.63 -2.99 -21.99
C ALA B 22 -7.12 -1.58 -22.36
N ASP B 23 -7.49 -0.79 -21.38
CA ASP B 23 -8.02 0.55 -21.66
C ASP B 23 -6.92 1.40 -22.34
N LEU B 24 -5.72 1.45 -21.74
CA LEU B 24 -4.66 2.35 -22.24
C LEU B 24 -4.21 1.93 -23.64
N LYS B 25 -4.13 0.62 -23.83
CA LYS B 25 -3.69 0.02 -25.08
C LYS B 25 -4.67 0.34 -26.20
N THR B 26 -5.94 0.27 -25.84
CA THR B 26 -7.03 0.51 -26.73
C THR B 26 -7.08 1.99 -27.06
N PHE B 27 -6.95 2.81 -26.03
CA PHE B 27 -6.96 4.25 -26.24
C PHE B 27 -5.83 4.65 -27.20
N GLN B 28 -4.67 4.01 -27.03
CA GLN B 28 -3.50 4.26 -27.86
C GLN B 28 -3.72 3.84 -29.31
N GLU B 29 -4.32 2.67 -29.48
CA GLU B 29 -4.68 2.19 -30.81
C GLU B 29 -5.63 3.18 -31.48
N LEU B 30 -6.54 3.79 -30.73
CA LEU B 30 -7.55 4.69 -31.32
C LEU B 30 -7.20 6.18 -31.21
N ASP B 31 -5.90 6.45 -31.12
CA ASP B 31 -5.34 7.77 -31.40
C ASP B 31 -5.95 8.78 -30.46
N THR B 32 -5.94 8.42 -29.18
CA THR B 32 -6.36 9.30 -28.11
C THR B 32 -5.29 9.27 -27.02
N TYR B 33 -5.33 10.28 -26.17
CA TYR B 33 -4.45 10.39 -25.04
C TYR B 33 -5.08 9.69 -23.83
N GLY B 34 -4.61 8.46 -23.58
CA GLY B 34 -5.16 7.61 -22.51
C GLY B 34 -4.60 7.97 -21.11
N MET B 35 -5.51 8.05 -20.15
CA MET B 35 -5.12 8.30 -18.76
C MET B 35 -5.85 7.32 -17.87
N VAL B 36 -5.32 7.08 -16.66
CA VAL B 36 -5.97 6.19 -15.71
C VAL B 36 -5.95 6.73 -14.29
N ALA B 37 -7.05 6.53 -13.58
CA ALA B 37 -7.11 6.71 -12.13
C ALA B 37 -7.33 5.31 -11.58
N LEU B 38 -6.31 4.78 -10.92
CA LEU B 38 -6.30 3.41 -10.47
C LEU B 38 -7.08 3.21 -9.19
N THR B 39 -7.93 2.18 -9.16
CA THR B 39 -8.78 1.90 -8.00
C THR B 39 -8.25 0.69 -7.21
N ALA B 40 -7.51 -0.20 -7.86
CA ALA B 40 -7.13 -1.44 -7.25
C ALA B 40 -6.13 -2.16 -8.10
N ILE B 41 -5.48 -3.13 -7.49
CA ILE B 41 -4.52 -3.95 -8.21
C ILE B 41 -4.89 -5.39 -8.05
N VAL B 42 -5.14 -6.03 -9.18
CA VAL B 42 -5.48 -7.44 -9.22
C VAL B 42 -4.27 -8.26 -9.62
N THR B 43 -4.01 -9.32 -8.86
CA THR B 43 -2.89 -10.20 -9.10
C THR B 43 -3.39 -11.63 -9.05
N MET B 44 -2.60 -12.53 -9.64
CA MET B 44 -2.94 -13.92 -9.84
C MET B 44 -1.85 -14.85 -9.35
N ASP B 45 -2.25 -15.87 -8.59
CA ASP B 45 -1.35 -16.89 -8.12
C ASP B 45 -0.65 -17.59 -9.29
N LYS B 46 0.66 -17.78 -9.19
CA LYS B 46 1.42 -18.42 -10.27
C LYS B 46 0.98 -19.84 -10.64
N ASP B 47 0.33 -20.53 -9.71
CA ASP B 47 0.01 -21.94 -9.85
C ASP B 47 -1.44 -22.21 -10.21
N THR B 48 -2.35 -21.49 -9.55
CA THR B 48 -3.77 -21.73 -9.69
C THR B 48 -4.47 -20.65 -10.48
N TRP B 49 -3.86 -19.46 -10.56
CA TRP B 49 -4.48 -18.30 -11.20
C TRP B 49 -5.60 -17.69 -10.34
N SER B 50 -5.67 -18.12 -9.08
CA SER B 50 -6.59 -17.57 -8.09
C SER B 50 -6.27 -16.08 -7.91
N HIS B 51 -7.29 -15.23 -8.00
CA HIS B 51 -7.13 -13.79 -8.02
C HIS B 51 -7.06 -13.22 -6.60
N ASP B 52 -6.34 -12.11 -6.46
CA ASP B 52 -6.34 -11.34 -5.24
C ASP B 52 -6.45 -9.90 -5.65
N VAL B 53 -7.37 -9.20 -5.02
CA VAL B 53 -7.65 -7.83 -5.33
C VAL B 53 -7.18 -6.98 -4.17
N THR B 54 -6.32 -6.02 -4.47
CA THR B 54 -5.76 -5.14 -3.46
C THR B 54 -6.32 -3.74 -3.66
N PRO B 55 -7.21 -3.30 -2.76
CA PRO B 55 -7.67 -1.93 -2.88
C PRO B 55 -6.55 -0.92 -2.66
N LEU B 56 -6.63 0.21 -3.32
CA LEU B 56 -5.75 1.33 -3.09
C LEU B 56 -6.51 2.26 -2.18
N PRO B 57 -5.81 2.90 -1.24
CA PRO B 57 -6.52 3.71 -0.25
C PRO B 57 -7.18 4.91 -0.93
N MET B 58 -8.21 5.44 -0.29
CA MET B 58 -9.03 6.47 -0.88
C MET B 58 -8.23 7.77 -1.10
N ASP B 59 -7.26 8.03 -0.23
CA ASP B 59 -6.41 9.22 -0.39
C ASP B 59 -5.66 9.26 -1.74
N VAL B 60 -5.01 8.18 -2.14
CA VAL B 60 -4.30 8.19 -3.45
C VAL B 60 -5.28 8.13 -4.65
N PHE B 61 -6.44 7.50 -4.45
CA PHE B 61 -7.48 7.51 -5.48
C PHE B 61 -7.95 8.95 -5.73
N GLU B 62 -8.15 9.69 -4.65
CA GLU B 62 -8.56 11.08 -4.76
C GLU B 62 -7.48 12.02 -5.29
N LYS B 63 -6.22 11.78 -4.95
CA LYS B 63 -5.14 12.55 -5.54
C LYS B 63 -5.03 12.27 -7.06
N GLN B 64 -5.24 11.03 -7.48
CA GLN B 64 -5.21 10.70 -8.93
C GLN B 64 -6.30 11.45 -9.68
N LEU B 65 -7.53 11.37 -9.16
CA LEU B 65 -8.67 12.11 -9.73
C LEU B 65 -8.41 13.59 -9.86
N GLU B 66 -7.84 14.20 -8.82
CA GLU B 66 -7.48 15.62 -8.86
C GLU B 66 -6.55 15.94 -10.02
N THR B 67 -5.56 15.10 -10.24
CA THR B 67 -4.64 15.31 -11.35
C THR B 67 -5.32 15.15 -12.71
N ALA B 68 -6.03 14.05 -12.86
CA ALA B 68 -6.69 13.76 -14.12
C ALA B 68 -7.76 14.79 -14.45
N LEU B 69 -8.50 15.22 -13.45
CA LEU B 69 -9.55 16.23 -13.64
C LEU B 69 -8.94 17.55 -14.09
N SER B 70 -7.78 17.86 -13.54
CA SER B 70 -7.05 19.06 -13.89
C SER B 70 -6.64 19.08 -15.37
N ILE B 71 -6.26 17.93 -15.89
CA ILE B 71 -5.93 17.78 -17.29
C ILE B 71 -7.15 18.01 -18.17
N GLY B 72 -8.32 17.67 -17.65
CA GLY B 72 -9.55 17.93 -18.37
C GLY B 72 -9.86 16.89 -19.40
N PRO B 73 -10.41 15.70 -18.90
CA PRO B 73 -10.64 14.69 -19.95
C PRO B 73 -11.83 15.06 -20.84
N ASP B 74 -11.72 14.73 -22.11
CA ASP B 74 -12.83 14.73 -23.06
C ASP B 74 -13.92 13.67 -22.84
N ALA B 75 -13.49 12.48 -22.43
CA ALA B 75 -14.39 11.37 -22.16
C ALA B 75 -13.91 10.58 -20.93
N ILE B 76 -14.82 9.85 -20.29
CA ILE B 76 -14.48 9.05 -19.12
C ILE B 76 -15.16 7.71 -19.22
N LYS B 77 -14.38 6.66 -18.99
CA LYS B 77 -14.82 5.29 -18.84
C LYS B 77 -14.65 4.81 -17.39
N THR B 78 -15.58 4.02 -16.89
CA THR B 78 -15.36 3.31 -15.63
C THR B 78 -15.21 1.83 -15.89
N GLY B 79 -14.30 1.20 -15.15
CA GLY B 79 -14.16 -0.25 -15.13
C GLY B 79 -14.41 -0.74 -13.71
N MET B 80 -13.49 -1.53 -13.17
CA MET B 80 -13.56 -2.00 -11.79
C MET B 80 -13.52 -0.85 -10.81
N LEU B 81 -14.57 -0.70 -10.02
CA LEU B 81 -14.65 0.40 -9.09
C LEU B 81 -14.55 -0.12 -7.66
N GLY B 82 -15.39 -1.06 -7.28
CA GLY B 82 -15.05 -1.91 -6.11
C GLY B 82 -15.83 -1.62 -4.84
N THR B 83 -16.13 -0.35 -4.59
CA THR B 83 -16.89 0.05 -3.42
C THR B 83 -17.90 1.12 -3.80
N GLU B 84 -18.95 1.24 -2.98
CA GLU B 84 -19.98 2.24 -3.21
C GLU B 84 -19.41 3.64 -3.28
N GLU B 85 -18.40 3.88 -2.45
CA GLU B 85 -17.83 5.20 -2.31
C GLU B 85 -17.07 5.58 -3.56
N ILE B 86 -16.34 4.63 -4.14
CA ILE B 86 -15.67 4.88 -5.42
C ILE B 86 -16.67 5.03 -6.57
N ILE B 87 -17.72 4.21 -6.58
CA ILE B 87 -18.81 4.31 -7.57
C ILE B 87 -19.42 5.72 -7.55
N LYS B 88 -19.71 6.21 -6.36
CA LYS B 88 -20.33 7.53 -6.23
C LYS B 88 -19.35 8.61 -6.67
N ARG B 89 -18.08 8.47 -6.28
CA ARG B 89 -17.07 9.47 -6.63
C ARG B 89 -16.89 9.49 -8.17
N ALA B 90 -16.85 8.30 -8.76
CA ALA B 90 -16.66 8.19 -10.20
C ALA B 90 -17.71 8.98 -10.94
N GLY B 91 -18.96 8.88 -10.51
CA GLY B 91 -20.07 9.69 -11.04
C GLY B 91 -19.95 11.16 -10.75
N GLU B 92 -19.44 11.53 -9.58
CA GLU B 92 -19.34 12.95 -9.23
C GLU B 92 -18.26 13.67 -10.06
N VAL B 93 -17.16 12.98 -10.30
CA VAL B 93 -16.04 13.50 -11.09
CA VAL B 93 -16.09 13.60 -11.05
C VAL B 93 -16.46 13.72 -12.54
N TYR B 94 -17.19 12.75 -13.10
CA TYR B 94 -17.73 12.94 -14.45
C TYR B 94 -18.53 14.24 -14.50
N GLU B 95 -19.39 14.42 -13.52
CA GLU B 95 -20.23 15.62 -13.44
C GLU B 95 -19.42 16.89 -13.26
N ALA B 96 -18.40 16.87 -12.40
CA ALA B 96 -17.61 18.09 -12.14
C ALA B 96 -16.79 18.51 -13.37
N SER B 97 -16.38 17.53 -14.17
CA SER B 97 -15.60 17.75 -15.36
C SER B 97 -16.41 18.36 -16.51
N ASN B 98 -15.71 18.63 -17.61
CA ASN B 98 -16.32 19.06 -18.86
C ASN B 98 -16.42 17.93 -19.90
N ALA B 99 -16.19 16.69 -19.50
CA ALA B 99 -16.42 15.55 -20.38
C ALA B 99 -17.91 15.44 -20.83
N GLN B 100 -18.09 15.14 -22.13
CA GLN B 100 -19.42 14.94 -22.70
C GLN B 100 -19.85 13.51 -22.76
N TYR B 101 -18.93 12.60 -22.51
CA TYR B 101 -19.24 11.20 -22.68
C TYR B 101 -18.85 10.49 -21.41
N PHE B 102 -19.74 9.63 -20.94
CA PHE B 102 -19.48 8.78 -19.77
C PHE B 102 -19.83 7.38 -20.17
N VAL B 103 -18.84 6.50 -20.19
CA VAL B 103 -19.03 5.10 -20.57
C VAL B 103 -18.81 4.22 -19.35
N VAL B 104 -19.88 3.62 -18.88
CA VAL B 104 -19.86 2.75 -17.72
C VAL B 104 -19.84 1.27 -18.11
N ASP B 105 -18.67 0.65 -17.91
CA ASP B 105 -18.54 -0.81 -18.04
C ASP B 105 -18.78 -1.40 -16.64
N PRO B 106 -19.94 -1.96 -16.39
CA PRO B 106 -20.33 -2.24 -14.99
C PRO B 106 -19.76 -3.56 -14.47
N VAL B 107 -18.45 -3.59 -14.24
CA VAL B 107 -17.76 -4.86 -13.96
C VAL B 107 -18.23 -5.44 -12.63
N MET B 108 -18.69 -6.69 -12.62
CA MET B 108 -19.02 -7.39 -11.37
C MET B 108 -18.28 -8.73 -11.30
N VAL B 109 -18.02 -9.21 -10.09
CA VAL B 109 -17.47 -10.56 -9.88
C VAL B 109 -18.59 -11.54 -9.56
N ASP B 114 -25.27 -16.61 -9.84
CA ASP B 114 -26.54 -15.91 -9.87
C ASP B 114 -26.51 -14.64 -9.00
N GLU B 115 -25.41 -14.43 -8.28
CA GLU B 115 -25.31 -13.35 -7.31
C GLU B 115 -23.90 -12.74 -7.26
N VAL B 116 -23.85 -11.44 -7.01
CA VAL B 116 -22.62 -10.75 -6.61
C VAL B 116 -22.46 -10.84 -5.10
N LEU B 117 -21.26 -10.60 -4.60
CA LEU B 117 -20.99 -10.67 -3.15
C LEU B 117 -21.83 -9.66 -2.37
N ASN B 118 -21.86 -8.43 -2.88
CA ASN B 118 -22.52 -7.32 -2.22
C ASN B 118 -23.39 -6.57 -3.21
N PRO B 119 -24.72 -6.84 -3.23
CA PRO B 119 -25.62 -6.13 -4.17
C PRO B 119 -25.80 -4.63 -3.90
N GLY B 120 -25.29 -4.16 -2.75
CA GLY B 120 -25.12 -2.74 -2.50
C GLY B 120 -24.36 -2.02 -3.63
N ASN B 121 -23.40 -2.71 -4.23
CA ASN B 121 -22.62 -2.13 -5.35
C ASN B 121 -23.45 -2.01 -6.60
N THR B 122 -24.25 -3.04 -6.86
CA THR B 122 -25.19 -3.00 -7.97
C THR B 122 -26.15 -1.85 -7.79
N GLU B 123 -26.70 -1.72 -6.58
CA GLU B 123 -27.61 -0.63 -6.25
C GLU B 123 -26.93 0.72 -6.46
N ALA B 124 -25.67 0.85 -6.03
CA ALA B 124 -24.97 2.11 -6.16
C ALA B 124 -24.67 2.43 -7.66
N MET B 125 -24.38 1.41 -8.46
CA MET B 125 -24.20 1.60 -9.93
C MET B 125 -25.48 2.14 -10.56
N ILE B 126 -26.61 1.49 -10.26
CA ILE B 126 -27.94 1.94 -10.71
C ILE B 126 -28.20 3.39 -10.26
N LYS B 127 -28.00 3.64 -8.97
CA LYS B 127 -28.25 4.94 -8.38
C LYS B 127 -27.34 6.02 -8.95
N TYR B 128 -26.03 5.75 -9.00
CA TYR B 128 -25.06 6.82 -9.28
C TYR B 128 -24.54 6.90 -10.70
N LEU B 129 -24.46 5.76 -11.39
CA LEU B 129 -23.79 5.75 -12.70
C LEU B 129 -24.76 5.67 -13.84
N LEU B 130 -25.74 4.80 -13.76
CA LEU B 130 -26.67 4.63 -14.89
C LEU B 130 -27.27 5.93 -15.38
N PRO B 131 -27.68 6.82 -14.45
CA PRO B 131 -28.34 8.06 -14.91
C PRO B 131 -27.39 9.10 -15.52
N LYS B 132 -26.11 8.79 -15.50
CA LYS B 132 -25.10 9.66 -16.11
C LYS B 132 -24.51 9.03 -17.35
N ALA B 133 -24.74 7.74 -17.56
CA ALA B 133 -24.06 6.99 -18.60
C ALA B 133 -24.52 7.34 -20.00
N THR B 134 -23.56 7.67 -20.86
CA THR B 134 -23.82 7.82 -22.28
C THR B 134 -24.08 6.43 -22.82
N VAL B 135 -23.18 5.51 -22.46
CA VAL B 135 -23.30 4.10 -22.82
C VAL B 135 -23.01 3.24 -21.57
N VAL B 136 -23.82 2.21 -21.35
CA VAL B 136 -23.51 1.20 -20.34
C VAL B 136 -23.37 -0.12 -21.08
N THR B 137 -22.36 -0.90 -20.71
CA THR B 137 -21.95 -2.06 -21.47
C THR B 137 -21.89 -3.37 -20.67
N PRO B 138 -23.00 -3.77 -20.03
CA PRO B 138 -22.99 -5.02 -19.27
C PRO B 138 -22.80 -6.25 -20.12
N ASN B 139 -22.21 -7.27 -19.53
CA ASN B 139 -22.33 -8.61 -20.10
C ASN B 139 -23.68 -9.22 -19.65
N LEU B 140 -24.00 -10.43 -20.09
CA LEU B 140 -25.32 -11.04 -19.81
C LEU B 140 -25.62 -11.05 -18.33
N PHE B 141 -24.67 -11.56 -17.55
CA PHE B 141 -24.85 -11.62 -16.12
C PHE B 141 -25.11 -10.25 -15.53
N GLU B 142 -24.27 -9.29 -15.86
CA GLU B 142 -24.33 -7.96 -15.30
C GLU B 142 -25.65 -7.28 -15.69
N ALA B 143 -26.12 -7.50 -16.92
CA ALA B 143 -27.40 -6.98 -17.39
C ALA B 143 -28.58 -7.44 -16.54
N GLY B 144 -28.57 -8.70 -16.14
CA GLY B 144 -29.61 -9.25 -15.30
C GLY B 144 -29.63 -8.69 -13.89
N GLN B 145 -28.46 -8.28 -13.41
CA GLN B 145 -28.31 -7.67 -12.11
C GLN B 145 -28.82 -6.22 -12.10
N LEU B 146 -28.48 -5.44 -13.13
CA LEU B 146 -28.89 -4.05 -13.19
C LEU B 146 -30.38 -3.91 -13.50
N SER B 147 -30.94 -4.91 -14.18
CA SER B 147 -32.36 -4.94 -14.55
C SER B 147 -33.23 -5.53 -13.44
N GLY B 148 -32.61 -6.15 -12.45
CA GLY B 148 -33.33 -6.89 -11.44
C GLY B 148 -34.06 -8.11 -11.99
N LEU B 149 -33.67 -8.59 -13.19
CA LEU B 149 -34.37 -9.72 -13.82
C LEU B 149 -33.69 -11.06 -13.56
N GLY B 150 -32.46 -11.02 -13.07
CA GLY B 150 -31.65 -12.23 -12.92
C GLY B 150 -31.17 -12.78 -14.24
N LYS B 151 -31.07 -14.10 -14.33
CA LYS B 151 -30.45 -14.75 -15.49
C LYS B 151 -31.22 -14.52 -16.78
N LEU B 152 -30.52 -14.11 -17.84
CA LEU B 152 -31.11 -13.80 -19.14
C LEU B 152 -30.66 -14.86 -20.12
N ASN B 153 -31.62 -15.56 -20.73
CA ASN B 153 -31.31 -16.70 -21.60
C ASN B 153 -31.66 -16.48 -23.07
N SER B 154 -32.40 -15.42 -23.39
CA SER B 154 -32.87 -15.20 -24.75
C SER B 154 -32.71 -13.75 -25.19
N ILE B 155 -32.82 -13.54 -26.51
CA ILE B 155 -32.95 -12.20 -27.06
C ILE B 155 -34.10 -11.42 -26.41
N GLU B 156 -35.22 -12.08 -26.14
CA GLU B 156 -36.37 -11.45 -25.51
C GLU B 156 -36.03 -10.89 -24.11
N ASP B 157 -35.37 -11.68 -23.26
CA ASP B 157 -34.97 -11.17 -21.92
C ASP B 157 -33.94 -10.06 -22.02
N MET B 158 -33.04 -10.14 -23.02
CA MET B 158 -32.05 -9.08 -23.26
C MET B 158 -32.72 -7.73 -23.62
N LYS B 159 -33.74 -7.77 -24.48
CA LYS B 159 -34.49 -6.54 -24.83
C LYS B 159 -35.21 -5.99 -23.58
N LYS B 160 -35.80 -6.88 -22.80
CA LYS B 160 -36.44 -6.51 -21.54
C LYS B 160 -35.48 -5.79 -20.57
N ALA B 161 -34.36 -6.44 -20.29
CA ALA B 161 -33.23 -5.89 -19.50
C ALA B 161 -32.79 -4.50 -20.00
N ALA B 162 -32.63 -4.37 -21.30
CA ALA B 162 -32.19 -3.12 -21.87
C ALA B 162 -33.25 -2.01 -21.71
N THR B 163 -34.52 -2.33 -21.89
CA THR B 163 -35.53 -1.30 -21.66
C THR B 163 -35.43 -0.89 -20.21
N ILE B 164 -35.21 -1.85 -19.30
CA ILE B 164 -35.18 -1.54 -17.86
C ILE B 164 -33.98 -0.65 -17.49
N ILE B 165 -32.83 -0.98 -18.07
CA ILE B 165 -31.60 -0.23 -17.81
C ILE B 165 -31.69 1.17 -18.42
N PHE B 166 -32.21 1.25 -19.64
CA PHE B 166 -32.53 2.54 -20.27
C PHE B 166 -33.38 3.43 -19.42
N ASP B 167 -34.44 2.85 -18.85
CA ASP B 167 -35.43 3.56 -18.03
C ASP B 167 -34.77 4.11 -16.75
N LYS B 168 -33.82 3.36 -16.24
CA LYS B 168 -33.00 3.74 -15.10
C LYS B 168 -32.01 4.85 -15.42
N GLY B 169 -31.89 5.24 -16.70
CA GLY B 169 -31.28 6.53 -17.11
C GLY B 169 -30.11 6.46 -18.10
N ALA B 170 -29.69 5.25 -18.47
CA ALA B 170 -28.62 5.09 -19.45
C ALA B 170 -29.14 5.51 -20.83
N GLN B 171 -28.42 6.41 -21.48
CA GLN B 171 -28.80 6.85 -22.81
C GLN B 171 -28.75 5.74 -23.86
N HIS B 172 -27.75 4.87 -23.75
CA HIS B 172 -27.59 3.76 -24.67
C HIS B 172 -27.12 2.56 -23.90
N VAL B 173 -27.64 1.39 -24.27
CA VAL B 173 -27.31 0.14 -23.59
C VAL B 173 -26.85 -0.87 -24.60
N ILE B 174 -25.76 -1.57 -24.30
CA ILE B 174 -25.30 -2.69 -25.10
C ILE B 174 -25.08 -3.86 -24.15
N ILE B 175 -25.75 -4.96 -24.45
CA ILE B 175 -25.62 -6.16 -23.64
C ILE B 175 -24.85 -7.13 -24.48
N LYS B 176 -23.76 -7.62 -23.92
CA LYS B 176 -22.94 -8.63 -24.57
C LYS B 176 -23.59 -9.99 -24.32
N GLY B 177 -23.81 -10.76 -25.38
CA GLY B 177 -24.40 -12.09 -25.26
C GLY B 177 -23.43 -13.11 -24.73
N GLY B 178 -22.15 -12.92 -25.03
CA GLY B 178 -21.11 -13.87 -24.63
C GLY B 178 -21.33 -15.26 -25.19
N LYS B 179 -21.24 -16.26 -24.32
CA LYS B 179 -21.46 -17.67 -24.67
C LYS B 179 -22.79 -18.17 -24.10
N ALA B 180 -23.11 -17.77 -22.88
CA ALA B 180 -24.34 -18.16 -22.19
C ALA B 180 -25.61 -17.95 -23.04
N LEU B 181 -25.55 -17.04 -24.01
CA LEU B 181 -26.70 -16.76 -24.89
C LEU B 181 -26.90 -17.84 -25.95
N ASP B 182 -25.91 -18.06 -26.79
CA ASP B 182 -26.06 -18.95 -27.94
C ASP B 182 -24.71 -19.48 -28.49
N GLN B 183 -24.77 -20.22 -29.61
CA GLN B 183 -23.65 -21.06 -30.06
C GLN B 183 -23.13 -20.82 -31.49
N ASP B 184 -24.04 -20.54 -32.44
CA ASP B 184 -23.68 -20.39 -33.85
C ASP B 184 -22.82 -19.15 -34.08
N LYS B 185 -23.25 -18.04 -33.52
CA LYS B 185 -22.46 -16.80 -33.48
C LYS B 185 -22.50 -16.17 -32.07
N SER B 186 -21.90 -15.00 -31.93
CA SER B 186 -21.98 -14.23 -30.69
C SER B 186 -22.72 -12.93 -31.00
N TYR B 187 -23.75 -12.68 -30.21
CA TYR B 187 -24.70 -11.62 -30.49
C TYR B 187 -24.59 -10.62 -29.36
N ASP B 188 -24.60 -9.34 -29.70
CA ASP B 188 -24.81 -8.28 -28.71
C ASP B 188 -26.11 -7.56 -29.08
N LEU B 189 -26.75 -7.00 -28.06
CA LEU B 189 -28.00 -6.25 -28.22
CA LEU B 189 -28.00 -6.24 -28.24
C LEU B 189 -27.76 -4.80 -27.86
N TYR B 190 -27.91 -3.90 -28.82
CA TYR B 190 -27.77 -2.48 -28.57
C TYR B 190 -29.13 -1.81 -28.59
N TYR B 191 -29.39 -0.98 -27.59
CA TYR B 191 -30.66 -0.27 -27.50
C TYR B 191 -30.49 1.21 -27.27
N ASP B 192 -31.16 2.02 -28.09
CA ASP B 192 -31.08 3.47 -27.95
C ASP B 192 -32.35 4.11 -27.39
N GLY B 193 -33.26 3.28 -26.94
CA GLY B 193 -34.54 3.71 -26.42
C GLY B 193 -35.61 3.81 -27.49
N GLN B 194 -35.23 3.59 -28.75
CA GLN B 194 -36.20 3.54 -29.83
C GLN B 194 -36.09 2.27 -30.65
N THR B 195 -34.86 1.84 -30.90
CA THR B 195 -34.62 0.67 -31.72
C THR B 195 -33.67 -0.31 -31.06
N PHE B 196 -33.93 -1.59 -31.28
CA PHE B 196 -33.08 -2.66 -30.82
C PHE B 196 -32.33 -3.19 -32.01
N TYR B 197 -31.02 -3.23 -31.88
CA TYR B 197 -30.15 -3.73 -32.92
C TYR B 197 -29.40 -4.91 -32.38
N GLN B 198 -29.40 -5.98 -33.15
CA GLN B 198 -28.55 -7.14 -32.92
C GLN B 198 -27.28 -6.98 -33.73
N LEU B 199 -26.15 -7.05 -33.04
CA LEU B 199 -24.84 -6.90 -33.64
C LEU B 199 -24.16 -8.26 -33.59
N THR B 200 -23.75 -8.76 -34.75
CA THR B 200 -23.13 -10.05 -34.81
C THR B 200 -21.91 -10.08 -35.72
N THR B 201 -21.08 -11.10 -35.55
CA THR B 201 -19.88 -11.24 -36.34
C THR B 201 -19.64 -12.70 -36.70
N ASP B 202 -18.94 -12.92 -37.79
CA ASP B 202 -18.70 -14.26 -38.29
C ASP B 202 -17.93 -15.09 -37.26
N MET B 203 -18.22 -16.39 -37.20
CA MET B 203 -17.71 -17.23 -36.14
C MET B 203 -16.19 -17.44 -36.25
N PHE B 204 -15.47 -17.29 -35.14
CA PHE B 204 -14.04 -17.52 -35.19
C PHE B 204 -13.30 -17.80 -33.87
N GLN B 205 -13.58 -18.92 -33.21
CA GLN B 205 -12.92 -19.21 -31.94
C GLN B 205 -12.87 -18.01 -30.99
N SER B 207 -12.03 -18.83 -27.16
CA SER B 207 -11.33 -19.31 -25.98
C SER B 207 -10.32 -18.30 -25.39
N TYR B 208 -9.70 -17.48 -26.25
CA TYR B 208 -8.80 -16.38 -25.82
C TYR B 208 -9.47 -14.99 -25.99
N ASN B 209 -10.40 -14.70 -25.06
CA ASN B 209 -11.15 -13.43 -25.02
C ASN B 209 -10.98 -12.64 -23.72
N HIS B 210 -9.88 -12.89 -23.00
CA HIS B 210 -9.66 -12.17 -21.76
C HIS B 210 -9.51 -10.70 -22.07
N GLY B 211 -10.29 -9.88 -21.39
CA GLY B 211 -10.24 -8.44 -21.59
C GLY B 211 -11.09 -7.94 -22.74
N ALA B 212 -11.91 -8.83 -23.31
CA ALA B 212 -12.72 -8.44 -24.43
C ALA B 212 -13.71 -7.37 -23.98
N GLY B 213 -14.28 -7.52 -22.80
CA GLY B 213 -15.21 -6.52 -22.29
C GLY B 213 -14.64 -5.13 -22.09
N CYS B 214 -13.46 -5.06 -21.44
CA CYS B 214 -12.81 -3.78 -21.18
C CYS B 214 -12.47 -3.07 -22.50
N THR B 215 -11.99 -3.87 -23.43
CA THR B 215 -11.57 -3.41 -24.74
C THR B 215 -12.76 -2.81 -25.43
N PHE B 216 -13.88 -3.51 -25.38
CA PHE B 216 -15.09 -2.99 -26.03
C PHE B 216 -15.54 -1.64 -25.46
N ALA B 217 -15.57 -1.53 -24.13
CA ALA B 217 -15.97 -0.27 -23.50
C ALA B 217 -14.93 0.79 -23.75
N ALA B 218 -13.66 0.39 -23.76
CA ALA B 218 -12.58 1.34 -24.01
C ALA B 218 -12.70 1.92 -25.43
N ALA B 219 -12.93 1.05 -26.41
CA ALA B 219 -13.07 1.48 -27.80
C ALA B 219 -14.27 2.45 -28.01
N THR B 220 -15.42 2.07 -27.45
CA THR B 220 -16.63 2.91 -27.49
C THR B 220 -16.28 4.29 -26.97
N THR B 221 -15.60 4.32 -25.84
CA THR B 221 -15.20 5.59 -25.27
C THR B 221 -14.31 6.41 -26.20
N ALA B 222 -13.36 5.76 -26.84
CA ALA B 222 -12.44 6.47 -27.68
C ALA B 222 -13.21 6.95 -28.93
N TYR B 223 -14.02 6.07 -29.52
CA TYR B 223 -14.78 6.44 -30.72
C TYR B 223 -15.71 7.66 -30.45
N LEU B 224 -16.36 7.68 -29.29
CA LEU B 224 -17.19 8.81 -28.84
C LEU B 224 -16.39 10.13 -28.70
N ALA B 225 -15.24 10.05 -28.03
CA ALA B 225 -14.36 11.21 -27.87
C ALA B 225 -13.93 11.77 -29.24
N ASN B 226 -13.68 10.88 -30.18
CA ASN B 226 -13.22 11.30 -31.48
C ASN B 226 -14.33 11.76 -32.43
N GLY B 227 -15.57 11.84 -31.92
CA GLY B 227 -16.65 12.55 -32.61
C GLY B 227 -17.72 11.67 -33.20
N LYS B 228 -17.63 10.35 -33.02
CA LYS B 228 -18.63 9.43 -33.58
C LYS B 228 -19.90 9.42 -32.77
N SER B 229 -21.00 9.08 -33.42
CA SER B 229 -22.29 8.92 -32.75
C SER B 229 -22.29 7.64 -31.91
N PRO B 230 -23.10 7.60 -30.84
CA PRO B 230 -23.11 6.41 -29.98
C PRO B 230 -23.30 5.10 -30.77
N LYS B 231 -24.33 5.05 -31.61
CA LYS B 231 -24.56 3.91 -32.49
C LYS B 231 -23.29 3.58 -33.30
N GLU B 232 -22.72 4.61 -33.90
CA GLU B 232 -21.45 4.48 -34.65
C GLU B 232 -20.31 3.95 -33.80
N ALA B 233 -20.17 4.55 -32.62
CA ALA B 233 -19.12 4.21 -31.67
C ALA B 233 -19.23 2.74 -31.26
N VAL B 234 -20.45 2.27 -31.04
CA VAL B 234 -20.66 0.91 -30.57
C VAL B 234 -20.44 -0.14 -31.65
N ILE B 235 -20.87 0.17 -32.86
CA ILE B 235 -20.65 -0.72 -33.98
C ILE B 235 -19.16 -0.80 -34.29
N SER B 236 -18.49 0.34 -34.29
CA SER B 236 -17.05 0.39 -34.50
C SER B 236 -16.27 -0.33 -33.40
N ALA B 237 -16.73 -0.16 -32.16
CA ALA B 237 -16.11 -0.83 -31.03
C ALA B 237 -16.27 -2.35 -31.12
N LYS B 238 -17.42 -2.80 -31.64
CA LYS B 238 -17.66 -4.22 -31.84
C LYS B 238 -16.67 -4.79 -32.88
N ALA B 239 -16.45 -4.06 -33.95
CA ALA B 239 -15.50 -4.50 -34.97
C ALA B 239 -14.10 -4.55 -34.35
N PHE B 240 -13.81 -3.53 -33.55
CA PHE B 240 -12.46 -3.41 -32.96
C PHE B 240 -12.14 -4.61 -32.08
N VAL B 241 -13.07 -4.95 -31.18
CA VAL B 241 -12.84 -6.05 -30.27
C VAL B 241 -12.94 -7.39 -30.95
N ALA B 242 -13.74 -7.48 -32.00
CA ALA B 242 -13.88 -8.75 -32.69
C ALA B 242 -12.55 -9.19 -33.29
N SER B 243 -11.85 -8.25 -33.89
CA SER B 243 -10.53 -8.54 -34.44
C SER B 243 -9.54 -8.93 -33.34
N ALA B 244 -9.62 -8.25 -32.21
CA ALA B 244 -8.78 -8.56 -31.07
C ALA B 244 -9.03 -9.98 -30.54
N ILE B 245 -10.29 -10.36 -30.45
CA ILE B 245 -10.67 -11.71 -30.04
C ILE B 245 -10.20 -12.75 -31.04
N LYS B 246 -10.36 -12.39 -32.29
CA LYS B 246 -10.03 -13.26 -33.39
C LYS B 246 -8.53 -13.57 -33.27
N ASN B 247 -7.74 -12.57 -32.94
CA ASN B 247 -6.31 -12.73 -32.89
C ASN B 247 -5.68 -12.81 -31.50
N GLY B 248 -6.49 -13.19 -30.53
CA GLY B 248 -6.03 -13.42 -29.17
C GLY B 248 -5.10 -14.59 -29.14
N TRP B 249 -4.44 -14.79 -28.01
CA TRP B 249 -3.38 -15.80 -27.95
C TRP B 249 -3.41 -16.46 -26.57
N LYS B 250 -2.90 -17.68 -26.49
CA LYS B 250 -2.94 -18.42 -25.22
C LYS B 250 -1.82 -17.97 -24.30
N MET B 251 -2.16 -17.42 -23.14
CA MET B 251 -1.16 -16.95 -22.16
C MET B 251 -0.71 -18.08 -21.23
N ASN B 252 -1.65 -18.88 -20.77
CA ASN B 252 -1.33 -20.08 -19.99
C ASN B 252 -2.57 -20.99 -20.07
N ASP B 253 -2.60 -22.09 -19.31
CA ASP B 253 -3.78 -22.98 -19.35
C ASP B 253 -5.09 -22.40 -18.81
N PHE B 254 -5.04 -21.23 -18.19
CA PHE B 254 -6.23 -20.63 -17.61
C PHE B 254 -6.79 -19.49 -18.44
N VAL B 255 -5.94 -18.72 -19.08
CA VAL B 255 -6.42 -17.49 -19.72
C VAL B 255 -5.67 -17.18 -21.03
N GLY B 256 -6.34 -16.41 -21.88
CA GLY B 256 -5.78 -15.99 -23.14
C GLY B 256 -6.32 -14.61 -23.45
N PRO B 257 -5.42 -13.61 -23.56
CA PRO B 257 -5.87 -12.26 -23.86
C PRO B 257 -6.15 -12.00 -25.35
N VAL B 258 -7.03 -11.05 -25.59
CA VAL B 258 -7.30 -10.54 -26.91
C VAL B 258 -6.07 -9.74 -27.38
N ASP B 259 -5.91 -9.57 -28.69
CA ASP B 259 -4.83 -8.78 -29.23
C ASP B 259 -5.35 -7.37 -29.53
N HIS B 260 -5.15 -6.45 -28.59
CA HIS B 260 -5.75 -5.11 -28.68
C HIS B 260 -5.40 -4.40 -30.00
N GLY B 261 -4.23 -4.68 -30.54
CA GLY B 261 -3.79 -4.06 -31.77
C GLY B 261 -4.22 -4.73 -33.06
N ALA B 262 -4.97 -5.83 -32.98
CA ALA B 262 -5.32 -6.61 -34.16
C ALA B 262 -6.10 -5.82 -35.23
N TYR B 263 -7.06 -4.99 -34.81
CA TYR B 263 -7.85 -4.15 -35.76
C TYR B 263 -6.95 -3.31 -36.68
N ASN B 264 -5.97 -2.62 -36.10
CA ASN B 264 -5.05 -1.78 -36.87
C ASN B 264 -3.88 -2.53 -37.53
N ARG B 265 -3.36 -3.57 -36.87
CA ARG B 265 -2.17 -4.29 -37.37
C ARG B 265 -2.50 -5.43 -38.33
N ILE B 266 -3.65 -6.07 -38.14
CA ILE B 266 -3.96 -7.34 -38.83
C ILE B 266 -5.16 -7.19 -39.78
N GLU B 267 -6.33 -6.84 -39.24
CA GLU B 267 -7.56 -6.85 -40.07
C GLU B 267 -8.74 -6.17 -39.40
N HIS B 268 -9.60 -5.55 -40.20
CA HIS B 268 -10.91 -5.12 -39.71
C HIS B 268 -11.84 -6.33 -39.75
N ILE B 269 -12.96 -6.24 -39.06
CA ILE B 269 -13.97 -7.30 -39.11
C ILE B 269 -15.37 -6.73 -39.34
N ASP B 270 -16.10 -7.31 -40.29
CA ASP B 270 -17.45 -6.87 -40.61
C ASP B 270 -18.45 -7.14 -39.48
N VAL B 271 -19.23 -6.13 -39.14
CA VAL B 271 -20.29 -6.23 -38.17
C VAL B 271 -21.63 -6.13 -38.88
N GLU B 272 -22.40 -7.22 -38.80
CA GLU B 272 -23.76 -7.22 -39.34
C GLU B 272 -24.75 -6.69 -38.29
N VAL B 273 -25.48 -5.64 -38.66
CA VAL B 273 -26.44 -4.94 -37.83
C VAL B 273 -27.86 -5.28 -38.35
N THR B 274 -28.72 -5.83 -37.51
CA THR B 274 -30.13 -6.09 -37.87
C THR B 274 -31.04 -5.61 -36.76
N GLU B 275 -32.21 -5.09 -37.10
CA GLU B 275 -33.19 -4.76 -36.07
C GLU B 275 -33.90 -6.04 -35.63
N VAL B 276 -34.16 -6.14 -34.33
CA VAL B 276 -34.89 -7.28 -33.75
C VAL B 276 -35.90 -6.81 -32.70
N GLY C 1 4.63 -14.53 -35.76
CA GLY C 1 4.72 -15.28 -34.47
C GLY C 1 3.98 -14.51 -33.41
N ALA C 2 3.96 -15.05 -32.19
CA ALA C 2 3.20 -14.44 -31.12
C ALA C 2 3.76 -13.04 -30.81
N LEU C 3 3.03 -12.23 -30.07
CA LEU C 3 3.57 -10.97 -29.63
C LEU C 3 4.67 -11.22 -28.59
N LYS C 4 5.68 -10.37 -28.59
CA LYS C 4 6.68 -10.44 -27.55
C LYS C 4 6.19 -9.79 -26.26
N LYS C 5 6.43 -10.48 -25.16
CA LYS C 5 5.94 -10.04 -23.87
C LYS C 5 6.99 -9.17 -23.19
N VAL C 6 6.68 -7.89 -23.00
CA VAL C 6 7.59 -6.94 -22.42
C VAL C 6 7.02 -6.38 -21.11
N LEU C 7 7.76 -6.61 -20.03
CA LEU C 7 7.41 -6.10 -18.69
C LEU C 7 8.16 -4.83 -18.38
N THR C 8 7.40 -3.81 -17.98
CA THR C 8 7.98 -2.69 -17.29
C THR C 8 7.77 -2.76 -15.76
N ILE C 9 8.87 -2.63 -15.03
CA ILE C 9 8.81 -2.43 -13.57
C ILE C 9 8.94 -0.93 -13.35
N ALA C 10 7.81 -0.33 -12.98
CA ALA C 10 7.66 1.11 -13.12
C ALA C 10 6.59 1.70 -12.21
N GLY C 11 6.69 3.03 -12.08
CA GLY C 11 5.66 3.79 -11.41
C GLY C 11 4.55 4.29 -12.32
N SER C 12 3.40 4.57 -11.72
CA SER C 12 2.31 5.17 -12.44
C SER C 12 2.46 6.68 -12.40
N ASP C 13 2.57 7.25 -13.61
CA ASP C 13 2.58 8.69 -13.78
C ASP C 13 1.13 9.08 -14.10
N THR C 14 0.41 9.62 -13.12
CA THR C 14 -1.03 9.90 -13.32
C THR C 14 -1.29 10.79 -14.55
N SER C 15 -0.41 11.77 -14.78
CA SER C 15 -0.49 12.65 -15.96
C SER C 15 -0.32 11.90 -17.28
N ALA C 16 0.20 10.68 -17.22
CA ALA C 16 0.11 9.69 -18.31
C ALA C 16 1.05 9.94 -19.50
N GLY C 17 1.99 10.87 -19.31
CA GLY C 17 3.01 11.11 -20.33
C GLY C 17 4.29 10.31 -20.10
N ALA C 18 4.62 10.08 -18.83
CA ALA C 18 5.83 9.32 -18.50
C ALA C 18 5.40 8.08 -17.78
N GLY C 19 6.37 7.36 -17.20
CA GLY C 19 6.09 6.20 -16.36
C GLY C 19 5.56 5.00 -17.13
N MET C 20 4.89 4.12 -16.41
CA MET C 20 4.33 2.92 -17.03
C MET C 20 3.31 3.27 -18.11
N GLN C 21 2.70 4.46 -18.03
CA GLN C 21 1.78 4.89 -19.05
C GLN C 21 2.54 5.04 -20.39
N ALA C 22 3.68 5.75 -20.37
CA ALA C 22 4.53 5.89 -21.56
C ALA C 22 5.00 4.53 -22.04
N ASP C 23 5.37 3.67 -21.09
CA ASP C 23 5.87 2.34 -21.44
C ASP C 23 4.80 1.53 -22.12
N LEU C 24 3.61 1.43 -21.52
CA LEU C 24 2.57 0.62 -22.15
C LEU C 24 2.17 1.19 -23.54
N LYS C 25 2.11 2.53 -23.67
CA LYS C 25 1.75 3.18 -24.93
C LYS C 25 2.80 2.87 -25.99
N THR C 26 4.06 2.98 -25.61
CA THR C 26 5.16 2.70 -26.49
C THR C 26 5.17 1.23 -26.90
N PHE C 27 4.98 0.33 -25.93
CA PHE C 27 5.00 -1.11 -26.20
C PHE C 27 3.89 -1.47 -27.18
N GLN C 28 2.74 -0.83 -26.99
CA GLN C 28 1.61 -1.01 -27.85
C GLN C 28 1.89 -0.52 -29.29
N GLU C 29 2.45 0.69 -29.41
CA GLU C 29 2.85 1.24 -30.70
C GLU C 29 3.81 0.35 -31.47
N LEU C 30 4.73 -0.31 -30.77
CA LEU C 30 5.74 -1.14 -31.38
C LEU C 30 5.41 -2.62 -31.39
N ASP C 31 4.12 -2.91 -31.37
CA ASP C 31 3.61 -4.25 -31.62
C ASP C 31 4.19 -5.31 -30.72
N THR C 32 4.15 -5.04 -29.41
CA THR C 32 4.53 -6.04 -28.41
C THR C 32 3.47 -6.09 -27.31
N TYR C 33 3.51 -7.13 -26.50
CA TYR C 33 2.54 -7.29 -25.40
C TYR C 33 3.08 -6.65 -24.15
N GLY C 34 2.55 -5.49 -23.81
CA GLY C 34 3.04 -4.74 -22.66
C GLY C 34 2.42 -5.22 -21.37
N MET C 35 3.24 -5.24 -20.33
CA MET C 35 2.82 -5.56 -18.98
C MET C 35 3.54 -4.63 -18.01
N VAL C 36 2.94 -4.41 -16.83
CA VAL C 36 3.60 -3.61 -15.80
C VAL C 36 3.50 -4.25 -14.44
N ALA C 37 4.58 -4.17 -13.67
CA ALA C 37 4.58 -4.31 -12.20
C ALA C 37 4.75 -2.93 -11.57
N LEU C 38 3.71 -2.44 -10.92
CA LEU C 38 3.64 -1.09 -10.44
C LEU C 38 4.40 -0.92 -9.11
N THR C 39 5.19 0.15 -9.03
CA THR C 39 6.02 0.41 -7.84
C THR C 39 5.53 1.52 -6.96
N ALA C 40 4.80 2.44 -7.53
CA ALA C 40 4.45 3.70 -6.91
C ALA C 40 3.45 4.42 -7.78
N ILE C 41 2.78 5.35 -7.17
CA ILE C 41 1.81 6.19 -7.86
C ILE C 41 2.20 7.66 -7.67
N VAL C 42 2.42 8.35 -8.78
CA VAL C 42 2.80 9.75 -8.75
C VAL C 42 1.64 10.62 -9.16
N THR C 43 1.31 11.58 -8.31
CA THR C 43 0.25 12.51 -8.62
C THR C 43 0.77 13.95 -8.53
N MET C 44 0.02 14.86 -9.13
CA MET C 44 0.43 16.23 -9.21
C MET C 44 -0.68 17.13 -8.72
N ASP C 45 -0.34 18.08 -7.84
CA ASP C 45 -1.26 19.13 -7.39
C ASP C 45 -1.75 19.99 -8.55
N LYS C 46 -3.04 20.31 -8.53
CA LYS C 46 -3.73 20.80 -9.71
C LYS C 46 -3.33 22.27 -9.95
N ASP C 47 -2.76 22.90 -8.92
CA ASP C 47 -2.37 24.32 -8.91
C ASP C 47 -0.87 24.60 -9.09
N THR C 48 -0.01 23.76 -8.52
CA THR C 48 1.45 23.97 -8.54
C THR C 48 2.25 22.89 -9.29
N TRP C 49 1.56 21.82 -9.69
CA TRP C 49 2.16 20.60 -10.33
C TRP C 49 3.26 19.86 -9.54
N SER C 50 3.40 20.20 -8.26
CA SER C 50 4.31 19.54 -7.34
C SER C 50 3.95 18.04 -7.26
N HIS C 51 4.95 17.17 -7.48
CA HIS C 51 4.74 15.74 -7.54
C HIS C 51 4.65 15.12 -6.15
N ASP C 52 3.73 14.18 -5.98
CA ASP C 52 3.62 13.39 -4.75
C ASP C 52 3.83 11.96 -5.14
N VAL C 53 4.89 11.33 -4.64
CA VAL C 53 5.13 9.92 -4.88
C VAL C 53 4.57 9.10 -3.73
N THR C 54 3.50 8.37 -4.01
CA THR C 54 2.91 7.44 -3.03
C THR C 54 3.47 6.04 -3.34
N PRO C 55 4.29 5.48 -2.44
CA PRO C 55 4.78 4.14 -2.68
C PRO C 55 3.69 3.11 -2.53
N LEU C 56 3.86 1.97 -3.19
CA LEU C 56 2.95 0.83 -3.03
C LEU C 56 3.67 -0.14 -2.14
N PRO C 57 2.92 -0.91 -1.32
CA PRO C 57 3.57 -1.78 -0.36
C PRO C 57 4.29 -2.91 -1.05
N MET C 58 5.39 -3.35 -0.45
CA MET C 58 6.16 -4.45 -0.98
C MET C 58 5.32 -5.69 -1.25
N ASP C 59 4.29 -5.88 -0.45
CA ASP C 59 3.50 -7.10 -0.56
C ASP C 59 2.79 -7.13 -1.95
N VAL C 60 2.24 -6.00 -2.38
CA VAL C 60 1.54 -5.97 -3.66
CA VAL C 60 1.54 -5.90 -3.67
C VAL C 60 2.56 -5.94 -4.80
N PHE C 61 3.75 -5.42 -4.52
CA PHE C 61 4.79 -5.40 -5.53
C PHE C 61 5.16 -6.84 -5.82
N GLU C 62 5.37 -7.62 -4.77
CA GLU C 62 5.79 -9.00 -4.93
C GLU C 62 4.70 -9.85 -5.59
N LYS C 63 3.44 -9.58 -5.27
CA LYS C 63 2.34 -10.34 -5.92
C LYS C 63 2.30 -10.06 -7.42
N GLN C 64 2.56 -8.80 -7.80
CA GLN C 64 2.59 -8.42 -9.19
C GLN C 64 3.72 -9.11 -9.93
N LEU C 65 4.88 -9.14 -9.28
CA LEU C 65 6.04 -9.77 -9.86
C LEU C 65 5.76 -11.23 -10.08
N GLU C 66 5.18 -11.88 -9.09
CA GLU C 66 4.83 -13.30 -9.20
C GLU C 66 3.99 -13.56 -10.45
N THR C 67 2.95 -12.74 -10.66
CA THR C 67 2.11 -12.88 -11.85
C THR C 67 2.84 -12.59 -13.14
N ALA C 68 3.55 -11.46 -13.19
CA ALA C 68 4.25 -11.10 -14.42
C ALA C 68 5.27 -12.17 -14.80
N LEU C 69 6.03 -12.64 -13.81
CA LEU C 69 7.06 -13.68 -14.04
C LEU C 69 6.46 -14.99 -14.58
N SER C 70 5.31 -15.43 -14.05
CA SER C 70 4.70 -16.69 -14.54
C SER C 70 4.28 -16.59 -16.02
N ILE C 71 3.89 -15.40 -16.46
CA ILE C 71 3.57 -15.13 -17.86
C ILE C 71 4.82 -15.24 -18.77
N GLY C 72 6.01 -15.00 -18.23
CA GLY C 72 7.26 -15.19 -18.98
C GLY C 72 7.64 -14.07 -19.93
N PRO C 73 8.04 -12.92 -19.39
CA PRO C 73 8.52 -11.82 -20.27
C PRO C 73 9.73 -12.19 -21.11
N ASP C 74 9.69 -11.73 -22.36
CA ASP C 74 10.81 -11.84 -23.28
C ASP C 74 11.84 -10.75 -22.99
N ALA C 75 11.35 -9.60 -22.52
CA ALA C 75 12.21 -8.47 -22.14
C ALA C 75 11.65 -7.75 -20.92
N ILE C 76 12.54 -7.15 -20.17
CA ILE C 76 12.14 -6.38 -19.00
C ILE C 76 12.79 -5.01 -19.01
N LYS C 77 12.03 -3.96 -18.77
CA LYS C 77 12.53 -2.61 -18.67
C LYS C 77 12.30 -2.22 -17.23
N THR C 78 13.19 -1.41 -16.66
CA THR C 78 12.89 -0.73 -15.38
C THR C 78 12.79 0.79 -15.49
N GLY C 79 11.81 1.35 -14.80
CA GLY C 79 11.67 2.78 -14.68
C GLY C 79 11.84 3.16 -13.22
N MET C 80 10.84 3.82 -12.68
CA MET C 80 10.98 4.30 -11.31
C MET C 80 10.91 3.13 -10.35
N LEU C 81 11.99 2.94 -9.60
CA LEU C 81 12.09 1.97 -8.56
C LEU C 81 12.49 2.80 -7.33
N GLY C 82 11.52 3.09 -6.48
CA GLY C 82 11.73 4.05 -5.42
C GLY C 82 12.75 3.67 -4.37
N THR C 83 12.97 2.37 -4.17
CA THR C 83 13.70 1.87 -3.01
C THR C 83 14.77 0.88 -3.38
N GLU C 84 15.74 0.75 -2.49
CA GLU C 84 16.82 -0.23 -2.65
C GLU C 84 16.27 -1.64 -2.68
N GLU C 85 15.24 -1.89 -1.89
CA GLU C 85 14.64 -3.19 -1.84
C GLU C 85 13.97 -3.48 -3.20
N ILE C 86 13.34 -2.47 -3.80
CA ILE C 86 12.71 -2.69 -5.11
C ILE C 86 13.79 -2.89 -6.19
N ILE C 87 14.82 -2.05 -6.15
CA ILE C 87 15.90 -2.12 -7.11
C ILE C 87 16.49 -3.52 -7.11
N LYS C 88 16.78 -4.03 -5.93
CA LYS C 88 17.35 -5.36 -5.76
C LYS C 88 16.43 -6.44 -6.34
N ARG C 89 15.13 -6.33 -6.09
CA ARG C 89 14.22 -7.36 -6.57
C ARG C 89 14.07 -7.29 -8.09
N ALA C 90 14.10 -6.09 -8.67
CA ALA C 90 14.00 -5.97 -10.11
C ALA C 90 15.14 -6.71 -10.79
N GLY C 91 16.34 -6.60 -10.24
CA GLY C 91 17.47 -7.32 -10.79
C GLY C 91 17.31 -8.82 -10.68
N GLU C 92 16.85 -9.30 -9.52
CA GLU C 92 16.71 -10.76 -9.32
C GLU C 92 15.61 -11.36 -10.18
N VAL C 93 14.54 -10.62 -10.44
CA VAL C 93 13.47 -11.18 -11.28
C VAL C 93 13.83 -11.28 -12.77
N TYR C 94 14.59 -10.32 -13.30
CA TYR C 94 15.25 -10.55 -14.63
C TYR C 94 16.06 -11.83 -14.65
N GLU C 95 17.04 -11.91 -13.75
CA GLU C 95 17.91 -13.10 -13.62
C GLU C 95 17.15 -14.42 -13.69
N ALA C 96 16.15 -14.52 -12.83
CA ALA C 96 15.34 -15.71 -12.69
C ALA C 96 14.36 -15.94 -13.84
N SER C 97 13.98 -14.90 -14.57
CA SER C 97 13.13 -15.05 -15.74
C SER C 97 13.97 -15.64 -16.85
N ASN C 98 13.31 -16.05 -17.93
CA ASN C 98 14.04 -16.40 -19.15
C ASN C 98 14.13 -15.21 -20.12
N ALA C 99 13.84 -14.01 -19.66
CA ALA C 99 13.96 -12.83 -20.51
C ALA C 99 15.41 -12.63 -20.95
N GLN C 100 15.55 -12.20 -22.21
CA GLN C 100 16.81 -12.04 -22.86
C GLN C 100 17.37 -10.64 -22.76
N TYR C 101 16.52 -9.65 -22.48
CA TYR C 101 16.91 -8.24 -22.51
C TYR C 101 16.44 -7.53 -21.26
N PHE C 102 17.34 -6.75 -20.69
CA PHE C 102 17.09 -6.00 -19.50
C PHE C 102 17.56 -4.58 -19.84
N VAL C 103 16.58 -3.70 -19.92
CA VAL C 103 16.83 -2.30 -20.20
C VAL C 103 16.55 -1.54 -18.91
N VAL C 104 17.61 -0.97 -18.36
CA VAL C 104 17.53 -0.18 -17.16
C VAL C 104 17.56 1.31 -17.52
N ASP C 105 16.43 1.99 -17.25
CA ASP C 105 16.32 3.44 -17.28
C ASP C 105 16.44 3.96 -15.82
N PRO C 106 17.62 4.50 -15.46
CA PRO C 106 17.94 4.79 -14.07
C PRO C 106 17.29 6.06 -13.61
N VAL C 107 15.98 6.01 -13.46
CA VAL C 107 15.17 7.15 -13.17
C VAL C 107 15.55 7.74 -11.82
N MET C 108 15.85 9.03 -11.85
CA MET C 108 16.13 9.80 -10.64
C MET C 108 15.29 11.08 -10.59
N VAL C 109 15.03 11.69 -11.74
CA VAL C 109 14.23 12.93 -11.83
C VAL C 109 13.03 12.84 -12.83
N CYS C 110 12.04 13.73 -12.65
CA CYS C 110 10.94 13.90 -13.63
C CYS C 110 10.95 15.30 -14.21
N LYS C 111 10.24 15.47 -15.33
CA LYS C 111 10.02 16.80 -15.92
C LYS C 111 8.89 17.50 -15.17
N GLY C 112 9.04 18.82 -14.98
CA GLY C 112 8.04 19.64 -14.27
C GLY C 112 7.98 19.33 -12.78
N ASN C 118 18.82 9.26 -5.07
CA ASN C 118 19.76 9.38 -3.95
C ASN C 118 21.08 8.68 -4.28
N PRO C 119 22.16 9.00 -3.54
CA PRO C 119 23.36 8.18 -3.70
C PRO C 119 23.13 6.72 -3.26
N GLY C 120 22.15 6.49 -2.39
CA GLY C 120 21.82 5.15 -1.91
C GLY C 120 21.07 4.35 -2.95
N ASN C 121 20.11 5.00 -3.61
CA ASN C 121 19.48 4.38 -4.78
C ASN C 121 20.47 4.21 -5.92
N THR C 122 21.35 5.20 -6.10
CA THR C 122 22.39 5.11 -7.12
C THR C 122 23.31 3.94 -6.88
N GLU C 123 23.82 3.81 -5.66
CA GLU C 123 24.69 2.69 -5.36
C GLU C 123 23.97 1.34 -5.49
N ALA C 124 22.67 1.31 -5.18
CA ALA C 124 21.86 0.12 -5.40
C ALA C 124 21.74 -0.17 -6.89
N MET C 125 21.55 0.86 -7.69
CA MET C 125 21.51 0.69 -9.16
C MET C 125 22.84 0.12 -9.67
N ILE C 126 23.95 0.65 -9.16
CA ILE C 126 25.30 0.15 -9.53
C ILE C 126 25.47 -1.30 -9.13
N LYS C 127 25.08 -1.62 -7.91
CA LYS C 127 25.33 -2.97 -7.40
C LYS C 127 24.46 -4.01 -8.10
N TYR C 128 23.17 -3.72 -8.22
CA TYR C 128 22.18 -4.74 -8.61
C TYR C 128 21.70 -4.71 -10.08
N LEU C 129 21.74 -3.55 -10.73
CA LEU C 129 21.12 -3.41 -12.05
C LEU C 129 22.12 -3.32 -13.21
N LEU C 130 23.11 -2.43 -13.07
CA LEU C 130 24.15 -2.25 -14.10
C LEU C 130 24.80 -3.59 -14.55
N PRO C 131 25.12 -4.47 -13.62
CA PRO C 131 25.76 -5.73 -14.08
C PRO C 131 24.88 -6.74 -14.82
N LYS C 132 23.58 -6.49 -14.85
CA LYS C 132 22.62 -7.32 -15.58
C LYS C 132 22.04 -6.63 -16.82
N ALA C 133 22.25 -5.32 -16.92
CA ALA C 133 21.67 -4.51 -17.96
C ALA C 133 22.23 -4.89 -19.33
N THR C 134 21.33 -5.21 -20.26
CA THR C 134 21.64 -5.16 -21.67
C THR C 134 22.00 -3.74 -22.15
N VAL C 135 21.10 -2.81 -21.87
CA VAL C 135 21.30 -1.40 -22.14
C VAL C 135 20.94 -0.64 -20.90
N VAL C 136 21.71 0.39 -20.58
CA VAL C 136 21.27 1.35 -19.52
C VAL C 136 21.23 2.67 -20.20
N THR C 137 20.27 3.53 -19.80
CA THR C 137 19.87 4.71 -20.54
C THR C 137 19.81 6.01 -19.74
N PRO C 138 20.90 6.36 -19.04
CA PRO C 138 20.84 7.59 -18.22
C PRO C 138 20.70 8.86 -19.00
N ASN C 139 20.09 9.88 -18.41
CA ASN C 139 20.28 11.22 -18.93
C ASN C 139 21.63 11.74 -18.44
N LEU C 140 21.96 12.98 -18.75
CA LEU C 140 23.27 13.52 -18.45
C LEU C 140 23.48 13.57 -16.94
N PHE C 141 22.44 13.93 -16.17
CA PHE C 141 22.54 13.92 -14.71
C PHE C 141 22.81 12.53 -14.15
N GLU C 142 22.00 11.56 -14.58
CA GLU C 142 22.01 10.23 -14.01
C GLU C 142 23.37 9.67 -14.32
N ALA C 143 23.85 9.96 -15.52
CA ALA C 143 25.13 9.46 -15.97
C ALA C 143 26.27 9.94 -15.08
N GLY C 144 26.20 11.19 -14.66
CA GLY C 144 27.21 11.75 -13.79
C GLY C 144 27.21 11.02 -12.45
N GLN C 145 26.00 10.66 -11.98
CA GLN C 145 25.86 9.98 -10.71
C GLN C 145 26.34 8.53 -10.78
N LEU C 146 25.96 7.81 -11.84
CA LEU C 146 26.28 6.38 -11.92
C LEU C 146 27.78 6.17 -12.16
N SER C 147 28.42 7.17 -12.78
CA SER C 147 29.84 7.15 -13.10
C SER C 147 30.70 7.67 -11.96
N GLY C 148 30.06 8.39 -11.03
CA GLY C 148 30.80 9.07 -9.99
C GLY C 148 31.63 10.25 -10.48
N LEU C 149 31.24 10.86 -11.61
CA LEU C 149 31.96 12.04 -12.10
C LEU C 149 31.28 13.36 -11.78
N GLY C 150 30.04 13.33 -11.30
CA GLY C 150 29.29 14.58 -11.10
C GLY C 150 28.92 15.21 -12.44
N LYS C 151 28.99 16.54 -12.52
CA LYS C 151 28.46 17.23 -13.68
C LYS C 151 29.25 16.96 -14.96
N LEU C 152 28.58 16.40 -15.98
CA LEU C 152 29.20 16.16 -17.29
C LEU C 152 28.86 17.30 -18.25
N ASN C 153 29.82 17.78 -19.02
CA ASN C 153 29.62 18.99 -19.83
C ASN C 153 30.00 18.88 -21.30
N SER C 154 30.39 17.69 -21.75
CA SER C 154 30.89 17.55 -23.13
C SER C 154 30.68 16.14 -23.60
N ILE C 155 30.77 15.93 -24.91
CA ILE C 155 30.85 14.58 -25.45
C ILE C 155 31.99 13.82 -24.78
N GLU C 156 33.09 14.53 -24.52
CA GLU C 156 34.25 13.92 -23.88
C GLU C 156 33.96 13.40 -22.47
N ASP C 157 33.31 14.22 -21.66
CA ASP C 157 32.87 13.77 -20.34
C ASP C 157 31.93 12.57 -20.48
N MET C 158 31.11 12.61 -21.52
CA MET C 158 30.10 11.57 -21.75
C MET C 158 30.76 10.27 -22.09
N LYS C 159 31.85 10.34 -22.86
CA LYS C 159 32.63 9.15 -23.17
C LYS C 159 33.22 8.53 -21.92
N LYS C 160 33.67 9.39 -21.01
CA LYS C 160 34.27 8.95 -19.76
C LYS C 160 33.26 8.21 -18.88
N ALA C 161 32.12 8.87 -18.66
CA ALA C 161 31.03 8.33 -17.86
C ALA C 161 30.54 7.01 -18.46
N ALA C 162 30.43 6.97 -19.78
CA ALA C 162 29.91 5.81 -20.46
C ALA C 162 30.88 4.63 -20.32
N THR C 163 32.18 4.90 -20.36
CA THR C 163 33.17 3.86 -20.10
C THR C 163 33.10 3.37 -18.67
N ILE C 164 32.89 4.27 -17.73
CA ILE C 164 32.84 3.86 -16.34
C ILE C 164 31.62 2.94 -16.15
N ILE C 165 30.48 3.36 -16.69
CA ILE C 165 29.22 2.60 -16.57
C ILE C 165 29.30 1.20 -17.17
N PHE C 166 29.91 1.10 -18.36
CA PHE C 166 30.14 -0.18 -19.03
C PHE C 166 30.99 -1.07 -18.15
N ASP C 167 32.02 -0.48 -17.55
CA ASP C 167 32.99 -1.21 -16.74
C ASP C 167 32.31 -1.72 -15.47
N LYS C 168 31.22 -1.07 -15.06
CA LYS C 168 30.40 -1.64 -13.95
C LYS C 168 29.54 -2.82 -14.35
N GLY C 169 29.43 -3.12 -15.66
CA GLY C 169 28.83 -4.37 -16.15
C GLY C 169 27.72 -4.25 -17.18
N ALA C 170 27.27 -3.04 -17.43
CA ALA C 170 26.31 -2.78 -18.45
C ALA C 170 26.94 -3.07 -19.80
N GLN C 171 26.22 -3.84 -20.63
CA GLN C 171 26.73 -4.28 -21.90
C GLN C 171 26.65 -3.17 -22.95
N HIS C 172 25.72 -2.25 -22.80
CA HIS C 172 25.61 -1.15 -23.76
C HIS C 172 25.15 0.00 -22.96
N VAL C 173 25.63 1.18 -23.31
CA VAL C 173 25.34 2.38 -22.57
C VAL C 173 24.97 3.45 -23.58
N ILE C 174 23.88 4.17 -23.32
CA ILE C 174 23.54 5.30 -24.13
C ILE C 174 23.28 6.38 -23.13
N ILE C 175 23.97 7.53 -23.29
CA ILE C 175 23.79 8.69 -22.42
C ILE C 175 23.10 9.79 -23.20
N LYS C 176 21.93 10.23 -22.69
CA LYS C 176 21.09 11.23 -23.36
C LYS C 176 21.61 12.57 -22.93
N GLY C 177 22.20 13.31 -23.87
CA GLY C 177 22.73 14.63 -23.57
C GLY C 177 21.64 15.61 -23.24
N GLY C 178 20.50 15.48 -23.92
CA GLY C 178 19.37 16.38 -23.72
C GLY C 178 19.71 17.85 -23.82
N LYS C 179 18.77 18.70 -23.38
CA LYS C 179 18.97 20.14 -23.37
C LYS C 179 20.00 20.58 -22.32
N ALA C 180 20.32 19.70 -21.37
CA ALA C 180 21.37 19.96 -20.38
C ALA C 180 22.75 20.12 -21.04
N LEU C 181 23.04 19.25 -22.01
CA LEU C 181 24.27 19.37 -22.79
C LEU C 181 24.26 20.53 -23.76
N ASP C 182 23.19 20.63 -24.56
CA ASP C 182 23.14 21.62 -25.63
C ASP C 182 21.71 21.89 -26.05
N GLN C 183 21.37 23.16 -26.23
CA GLN C 183 20.00 23.58 -26.54
C GLN C 183 19.69 23.50 -28.03
N ASP C 184 20.71 23.60 -28.88
CA ASP C 184 20.52 23.73 -30.33
C ASP C 184 20.25 22.35 -30.96
N LYS C 185 20.99 21.32 -30.52
CA LYS C 185 20.75 19.98 -31.01
C LYS C 185 20.92 18.93 -29.93
N SER C 186 20.22 17.82 -30.14
CA SER C 186 20.11 16.78 -29.15
C SER C 186 21.21 15.76 -29.43
N TYR C 187 22.18 15.64 -28.53
CA TYR C 187 23.33 14.77 -28.71
C TYR C 187 23.24 13.62 -27.71
N ASP C 188 23.21 12.39 -28.18
CA ASP C 188 23.40 11.24 -27.29
C ASP C 188 24.68 10.51 -27.61
N LEU C 189 25.24 9.85 -26.60
CA LEU C 189 26.46 9.07 -26.77
CA LEU C 189 26.44 9.06 -26.79
C LEU C 189 26.17 7.61 -26.45
N TYR C 190 26.32 6.75 -27.44
CA TYR C 190 26.16 5.30 -27.28
C TYR C 190 27.52 4.61 -27.28
N TYR C 191 27.71 3.68 -26.36
CA TYR C 191 28.98 2.97 -26.20
C TYR C 191 28.76 1.45 -26.01
N ASP C 192 29.47 0.66 -26.77
CA ASP C 192 29.30 -0.80 -26.71
C ASP C 192 30.49 -1.55 -26.15
N GLY C 193 31.43 -0.84 -25.52
CA GLY C 193 32.67 -1.44 -25.08
C GLY C 193 33.80 -1.31 -26.11
N GLN C 194 33.46 -1.20 -27.39
CA GLN C 194 34.46 -1.08 -28.45
C GLN C 194 34.48 0.29 -29.11
N THR C 195 33.30 0.79 -29.45
CA THR C 195 33.18 2.03 -30.23
C THR C 195 32.21 3.04 -29.62
N PHE C 196 32.59 4.30 -29.66
CA PHE C 196 31.72 5.38 -29.23
C PHE C 196 31.01 5.90 -30.47
N TYR C 197 29.67 5.93 -30.40
CA TYR C 197 28.83 6.51 -31.44
C TYR C 197 28.06 7.71 -30.93
N GLN C 198 28.18 8.82 -31.67
CA GLN C 198 27.37 9.99 -31.40
C GLN C 198 26.07 9.96 -32.21
N LEU C 199 24.95 10.14 -31.53
CA LEU C 199 23.64 10.14 -32.19
C LEU C 199 23.05 11.53 -32.05
N THR C 200 22.64 12.10 -33.18
CA THR C 200 22.22 13.49 -33.22
C THR C 200 20.89 13.64 -33.99
N THR C 201 20.03 14.50 -33.47
CA THR C 201 18.78 14.84 -34.11
C THR C 201 18.58 16.36 -33.86
N ASP C 202 17.69 17.01 -34.62
CA ASP C 202 17.37 18.42 -34.36
C ASP C 202 16.62 18.61 -33.04
N MET C 203 16.69 19.83 -32.51
CA MET C 203 15.95 20.24 -31.32
C MET C 203 14.96 21.34 -31.72
N PHE C 204 13.69 21.09 -31.46
CA PHE C 204 12.58 21.89 -32.01
C PHE C 204 11.99 22.74 -30.88
N GLN C 205 11.58 22.07 -29.81
CA GLN C 205 11.15 22.71 -28.57
C GLN C 205 11.42 21.77 -27.40
N TYR C 208 8.02 20.38 -25.72
CA TYR C 208 7.25 19.53 -24.79
C TYR C 208 7.77 18.08 -24.79
N ASN C 209 8.49 17.75 -23.71
CA ASN C 209 9.37 16.58 -23.64
C ASN C 209 9.02 15.61 -22.51
N HIS C 210 7.88 15.84 -21.87
CA HIS C 210 7.51 15.03 -20.72
C HIS C 210 7.29 13.61 -21.15
N GLY C 211 8.07 12.71 -20.54
CA GLY C 211 8.02 11.31 -20.85
C GLY C 211 9.00 10.87 -21.91
N ALA C 212 9.80 11.77 -22.46
CA ALA C 212 10.75 11.39 -23.54
C ALA C 212 11.67 10.25 -23.11
N GLY C 213 12.20 10.32 -21.89
CA GLY C 213 13.15 9.33 -21.40
C GLY C 213 12.53 7.96 -21.17
N CYS C 214 11.30 7.93 -20.66
CA CYS C 214 10.59 6.67 -20.46
C CYS C 214 10.31 6.05 -21.82
N THR C 215 9.86 6.88 -22.76
CA THR C 215 9.57 6.42 -24.09
C THR C 215 10.79 5.86 -24.82
N PHE C 216 11.91 6.57 -24.75
CA PHE C 216 13.13 6.09 -25.39
C PHE C 216 13.54 4.71 -24.85
N ALA C 217 13.60 4.59 -23.53
CA ALA C 217 13.93 3.29 -22.92
C ALA C 217 12.85 2.23 -23.21
N ALA C 218 11.58 2.61 -23.22
CA ALA C 218 10.52 1.66 -23.60
C ALA C 218 10.69 1.25 -25.08
N ALA C 219 11.00 2.20 -25.93
CA ALA C 219 11.18 1.90 -27.36
C ALA C 219 12.37 0.98 -27.56
N THR C 220 13.46 1.25 -26.85
CA THR C 220 14.66 0.41 -26.94
C THR C 220 14.31 -1.05 -26.61
N THR C 221 13.57 -1.21 -25.53
CA THR C 221 13.15 -2.50 -25.06
C THR C 221 12.32 -3.27 -26.08
N ALA C 222 11.34 -2.60 -26.68
CA ALA C 222 10.48 -3.25 -27.63
C ALA C 222 11.29 -3.60 -28.90
N TYR C 223 12.10 -2.67 -29.40
CA TYR C 223 12.90 -2.96 -30.59
C TYR C 223 13.84 -4.14 -30.36
N LEU C 224 14.48 -4.19 -29.19
CA LEU C 224 15.28 -5.35 -28.82
C LEU C 224 14.43 -6.60 -28.86
N ALA C 225 13.32 -6.58 -28.15
CA ALA C 225 12.38 -7.69 -28.08
C ALA C 225 12.00 -8.23 -29.48
N ASN C 226 11.81 -7.31 -30.42
CA ASN C 226 11.39 -7.64 -31.78
C ASN C 226 12.54 -8.02 -32.73
N GLY C 227 13.76 -8.10 -32.20
CA GLY C 227 14.85 -8.74 -32.93
C GLY C 227 15.94 -7.82 -33.43
N LYS C 228 15.86 -6.54 -33.08
CA LYS C 228 16.92 -5.59 -33.46
C LYS C 228 18.12 -5.78 -32.53
N SER C 229 19.31 -5.54 -33.06
CA SER C 229 20.53 -5.55 -32.25
C SER C 229 20.51 -4.29 -31.38
N PRO C 230 21.29 -4.30 -30.30
CA PRO C 230 21.28 -3.15 -29.41
C PRO C 230 21.56 -1.80 -30.09
N LYS C 231 22.49 -1.79 -31.04
CA LYS C 231 22.87 -0.54 -31.66
C LYS C 231 21.71 -0.02 -32.50
N GLU C 232 21.13 -0.88 -33.33
CA GLU C 232 19.96 -0.47 -34.14
C GLU C 232 18.73 -0.20 -33.25
N ALA C 233 18.61 -0.91 -32.13
CA ALA C 233 17.52 -0.65 -31.18
C ALA C 233 17.58 0.78 -30.63
N VAL C 234 18.79 1.22 -30.25
CA VAL C 234 19.02 2.56 -29.70
CA VAL C 234 18.94 2.55 -29.68
C VAL C 234 18.74 3.63 -30.77
N ILE C 235 19.24 3.38 -31.96
CA ILE C 235 19.09 4.35 -33.05
C ILE C 235 17.61 4.49 -33.42
N SER C 236 16.93 3.36 -33.50
CA SER C 236 15.50 3.35 -33.82
C SER C 236 14.69 4.03 -32.72
N ALA C 237 15.01 3.72 -31.48
CA ALA C 237 14.34 4.31 -30.33
C ALA C 237 14.54 5.81 -30.30
N LYS C 238 15.74 6.26 -30.71
CA LYS C 238 16.01 7.68 -30.77
C LYS C 238 15.11 8.38 -31.80
N ALA C 239 14.97 7.76 -32.97
CA ALA C 239 14.09 8.26 -34.04
C ALA C 239 12.63 8.23 -33.55
N PHE C 240 12.25 7.13 -32.91
CA PHE C 240 10.91 7.04 -32.30
C PHE C 240 10.56 8.18 -31.34
N VAL C 241 11.45 8.43 -30.38
CA VAL C 241 11.25 9.47 -29.39
C VAL C 241 11.40 10.89 -29.97
N ALA C 242 12.25 11.08 -30.95
CA ALA C 242 12.35 12.40 -31.63
C ALA C 242 11.00 12.86 -32.22
N SER C 243 10.31 11.93 -32.89
CA SER C 243 9.00 12.21 -33.47
CA SER C 243 9.00 12.21 -33.47
C SER C 243 7.98 12.53 -32.38
N ALA C 244 8.03 11.76 -31.30
CA ALA C 244 7.17 11.99 -30.16
C ALA C 244 7.43 13.35 -29.50
N ILE C 245 8.70 13.76 -29.41
CA ILE C 245 9.05 15.05 -28.82
C ILE C 245 8.59 16.17 -29.72
N LYS C 246 8.92 16.04 -31.01
CA LYS C 246 8.49 16.97 -32.04
C LYS C 246 7.00 17.24 -31.96
N ASN C 247 6.22 16.19 -31.70
CA ASN C 247 4.78 16.27 -31.72
C ASN C 247 4.10 16.23 -30.33
N GLY C 248 4.81 16.65 -29.28
CA GLY C 248 4.20 16.75 -27.94
C GLY C 248 3.29 17.98 -27.87
N TRP C 249 2.44 18.04 -26.82
CA TRP C 249 1.42 19.10 -26.72
C TRP C 249 1.33 19.68 -25.32
N LYS C 250 1.03 20.97 -25.25
CA LYS C 250 0.92 21.65 -23.97
C LYS C 250 -0.24 21.11 -23.14
N MET C 251 0.08 20.52 -21.99
CA MET C 251 -0.92 19.96 -21.08
C MET C 251 -1.44 21.06 -20.15
N ASN C 252 -0.54 21.91 -19.72
CA ASN C 252 -0.87 23.05 -18.88
C ASN C 252 0.36 23.96 -18.82
N ASP C 253 0.30 24.95 -17.93
CA ASP C 253 1.42 25.90 -17.77
C ASP C 253 2.75 25.29 -17.35
N PHE C 254 2.74 24.05 -16.86
CA PHE C 254 3.94 23.41 -16.29
C PHE C 254 4.57 22.40 -17.21
N VAL C 255 3.77 21.68 -17.97
CA VAL C 255 4.27 20.47 -18.60
C VAL C 255 3.55 20.18 -19.92
N GLY C 256 4.17 19.36 -20.76
CA GLY C 256 3.54 18.91 -22.01
C GLY C 256 4.11 17.56 -22.39
N PRO C 257 3.25 16.53 -22.52
CA PRO C 257 3.78 15.20 -22.82
C PRO C 257 4.17 15.04 -24.28
N VAL C 258 5.13 14.15 -24.52
CA VAL C 258 5.42 13.71 -25.86
C VAL C 258 4.20 12.95 -26.44
N ASP C 259 4.09 12.94 -27.76
CA ASP C 259 3.06 12.19 -28.44
C ASP C 259 3.64 10.83 -28.81
N HIS C 260 3.30 9.82 -28.01
CA HIS C 260 3.93 8.48 -28.13
C HIS C 260 3.67 7.82 -29.48
N GLY C 261 2.52 8.14 -30.08
CA GLY C 261 2.14 7.56 -31.37
C GLY C 261 2.60 8.31 -32.60
N ALA C 262 3.43 9.34 -32.41
CA ALA C 262 3.81 10.21 -33.55
C ALA C 262 4.60 9.45 -34.62
N TYR C 263 5.56 8.64 -34.21
CA TYR C 263 6.41 7.92 -35.18
C TYR C 263 5.58 7.17 -36.23
N ASN C 264 4.55 6.47 -35.76
CA ASN C 264 3.69 5.72 -36.66
C ASN C 264 2.62 6.55 -37.32
N ARG C 265 2.10 7.55 -36.60
CA ARG C 265 0.90 8.25 -37.04
C ARG C 265 1.20 9.50 -37.86
N ILE C 266 2.27 10.24 -37.49
CA ILE C 266 2.60 11.50 -38.16
C ILE C 266 3.87 11.40 -39.01
N GLU C 267 5.03 11.20 -38.38
CA GLU C 267 6.29 11.19 -39.13
C GLU C 267 7.45 10.43 -38.47
N HIS C 268 8.32 9.90 -39.33
CA HIS C 268 9.64 9.38 -38.95
C HIS C 268 10.60 10.57 -38.79
N ILE C 269 11.71 10.41 -38.09
CA ILE C 269 12.73 11.48 -38.07
C ILE C 269 14.15 10.90 -38.19
N ASP C 270 14.93 11.42 -39.13
CA ASP C 270 16.27 10.91 -39.33
C ASP C 270 17.17 11.19 -38.13
N VAL C 271 18.04 10.22 -37.84
CA VAL C 271 19.06 10.34 -36.80
C VAL C 271 20.43 10.18 -37.47
N GLU C 272 21.32 11.10 -37.15
CA GLU C 272 22.66 11.06 -37.71
C GLU C 272 23.58 10.31 -36.77
N VAL C 273 24.28 9.33 -37.30
CA VAL C 273 25.18 8.49 -36.52
C VAL C 273 26.60 8.68 -37.02
N THR C 274 27.45 9.24 -36.15
CA THR C 274 28.88 9.37 -36.42
C THR C 274 29.64 8.67 -35.30
N GLU C 275 30.90 8.35 -35.54
CA GLU C 275 31.75 7.74 -34.52
C GLU C 275 32.74 8.77 -33.99
N VAL C 276 32.81 8.90 -32.65
CA VAL C 276 33.63 9.92 -32.00
C VAL C 276 34.53 9.30 -30.95
N GLY D 1 7.06 -17.30 6.12
CA GLY D 1 6.92 -18.31 7.21
C GLY D 1 6.46 -17.64 8.49
N ALA D 2 6.64 -18.33 9.62
CA ALA D 2 6.05 -17.90 10.90
C ALA D 2 6.61 -16.54 11.35
N LEU D 3 5.77 -15.68 11.95
CA LEU D 3 6.28 -14.45 12.45
C LEU D 3 7.29 -14.67 13.58
N LYS D 4 8.41 -13.95 13.53
CA LYS D 4 9.35 -13.91 14.62
C LYS D 4 8.68 -13.15 15.77
N LYS D 5 8.88 -13.65 16.97
CA LYS D 5 8.26 -13.18 18.18
C LYS D 5 9.31 -12.28 18.85
N VAL D 6 8.94 -11.02 19.05
CA VAL D 6 9.88 -10.05 19.55
C VAL D 6 9.28 -9.40 20.78
N LEU D 7 9.89 -9.65 21.93
CA LEU D 7 9.43 -9.01 23.20
C LEU D 7 10.12 -7.70 23.52
N THR D 8 9.37 -6.69 23.93
CA THR D 8 9.95 -5.52 24.57
C THR D 8 9.62 -5.52 26.08
N ILE D 9 10.63 -5.17 26.90
CA ILE D 9 10.51 -5.02 28.35
C ILE D 9 10.67 -3.54 28.51
N ALA D 10 9.57 -2.87 28.78
CA ALA D 10 9.46 -1.45 28.60
C ALA D 10 8.31 -0.82 29.35
N GLY D 11 8.29 0.50 29.35
CA GLY D 11 7.23 1.28 29.97
C GLY D 11 6.21 1.81 28.99
N SER D 12 5.02 2.12 29.47
CA SER D 12 4.00 2.67 28.61
C SER D 12 4.16 4.17 28.52
N ASP D 13 4.26 4.69 27.31
CA ASP D 13 4.26 6.12 27.10
C ASP D 13 2.85 6.52 26.69
N THR D 14 2.11 7.11 27.61
CA THR D 14 0.71 7.38 27.31
C THR D 14 0.53 8.18 26.03
N SER D 15 1.47 9.06 25.73
CA SER D 15 1.39 9.89 24.51
C SER D 15 1.52 9.05 23.21
N ALA D 16 2.08 7.85 23.35
CA ALA D 16 2.04 6.79 22.34
C ALA D 16 3.11 6.93 21.24
N GLY D 17 3.95 7.94 21.37
CA GLY D 17 5.05 8.16 20.48
C GLY D 17 6.29 7.32 20.79
N ALA D 18 6.49 7.04 22.07
CA ALA D 18 7.67 6.37 22.55
C ALA D 18 7.33 5.08 23.32
N GLY D 19 8.32 4.52 24.00
CA GLY D 19 8.09 3.43 24.92
C GLY D 19 7.46 2.26 24.22
N MET D 20 6.67 1.50 24.95
CA MET D 20 6.17 0.25 24.40
C MET D 20 5.32 0.49 23.16
N GLN D 21 4.68 1.63 23.12
CA GLN D 21 3.86 1.96 21.98
C GLN D 21 4.67 2.05 20.70
N ALA D 22 5.83 2.66 20.79
CA ALA D 22 6.71 2.77 19.65
C ALA D 22 7.14 1.35 19.30
N ASP D 23 7.44 0.59 20.31
CA ASP D 23 8.01 -0.73 20.08
C ASP D 23 7.00 -1.57 19.32
N LEU D 24 5.76 -1.58 19.79
CA LEU D 24 4.76 -2.43 19.20
C LEU D 24 4.44 -2.00 17.77
N LYS D 25 4.27 -0.69 17.60
CA LYS D 25 4.06 -0.10 16.32
C LYS D 25 5.13 -0.45 15.28
N THR D 26 6.38 -0.34 15.70
CA THR D 26 7.53 -0.60 14.86
C THR D 26 7.64 -2.05 14.58
N PHE D 27 7.41 -2.88 15.60
CA PHE D 27 7.41 -4.37 15.37
C PHE D 27 6.39 -4.83 14.30
N GLN D 28 5.26 -4.16 14.30
CA GLN D 28 4.15 -4.45 13.39
C GLN D 28 4.52 -3.98 11.98
N GLU D 29 4.94 -2.71 11.85
CA GLU D 29 5.48 -2.18 10.63
C GLU D 29 6.54 -3.10 9.96
N LEU D 30 7.34 -3.78 10.78
CA LEU D 30 8.41 -4.67 10.30
C LEU D 30 8.04 -6.15 10.36
N ASP D 31 6.74 -6.40 10.35
CA ASP D 31 6.23 -7.74 10.11
C ASP D 31 6.77 -8.78 11.08
N THR D 32 6.76 -8.45 12.37
CA THR D 32 7.14 -9.41 13.40
C THR D 32 5.98 -9.45 14.40
N TYR D 33 5.93 -10.47 15.23
CA TYR D 33 4.89 -10.49 16.28
C TYR D 33 5.31 -9.72 17.52
N GLY D 34 4.77 -8.53 17.80
CA GLY D 34 5.22 -7.83 18.98
C GLY D 34 4.53 -8.22 20.30
N MET D 35 5.30 -8.23 21.39
CA MET D 35 4.83 -8.47 22.74
C MET D 35 5.51 -7.52 23.68
N VAL D 36 4.89 -7.29 24.85
CA VAL D 36 5.41 -6.37 25.83
C VAL D 36 5.22 -6.93 27.23
N ALA D 37 6.22 -6.65 28.08
CA ALA D 37 6.14 -6.76 29.53
C ALA D 37 6.35 -5.38 30.09
N LEU D 38 5.28 -4.80 30.64
CA LEU D 38 5.25 -3.44 31.12
C LEU D 38 5.95 -3.34 32.48
N THR D 39 6.79 -2.33 32.61
CA THR D 39 7.53 -2.08 33.81
C THR D 39 6.97 -0.87 34.56
N ALA D 40 6.24 -0.03 33.87
CA ALA D 40 5.85 1.30 34.37
C ALA D 40 4.89 1.98 33.44
N ILE D 41 4.15 2.94 33.98
CA ILE D 41 3.25 3.77 33.17
C ILE D 41 3.67 5.24 33.29
N VAL D 42 3.92 5.86 32.14
CA VAL D 42 4.24 7.28 32.11
C VAL D 42 3.09 8.09 31.56
N THR D 43 2.71 9.11 32.32
CA THR D 43 1.64 10.05 31.98
C THR D 43 2.22 11.45 31.94
N MET D 44 1.45 12.37 31.36
CA MET D 44 1.86 13.76 31.21
C MET D 44 0.72 14.68 31.58
N ASP D 45 1.03 15.76 32.26
CA ASP D 45 0.01 16.70 32.72
C ASP D 45 -0.51 17.51 31.53
N LYS D 46 -1.80 17.82 31.52
CA LYS D 46 -2.44 18.34 30.30
C LYS D 46 -1.96 19.74 29.93
N ASP D 47 -1.56 20.49 30.94
CA ASP D 47 -1.22 21.90 30.79
C ASP D 47 0.27 22.18 30.68
N THR D 48 1.07 21.35 31.33
CA THR D 48 2.51 21.60 31.51
C THR D 48 3.38 20.54 30.84
N TRP D 49 2.76 19.39 30.57
CA TRP D 49 3.42 18.16 30.07
C TRP D 49 4.42 17.48 31.02
N SER D 50 4.46 17.87 32.30
CA SER D 50 5.40 17.23 33.25
C SER D 50 5.09 15.76 33.27
N HIS D 51 6.14 14.94 33.28
CA HIS D 51 6.03 13.50 33.27
C HIS D 51 5.83 12.95 34.69
N ASP D 52 5.06 11.87 34.79
CA ASP D 52 4.85 11.13 36.04
C ASP D 52 5.11 9.69 35.68
N VAL D 53 6.01 9.03 36.39
CA VAL D 53 6.32 7.63 36.14
C VAL D 53 5.68 6.84 37.27
N THR D 54 4.75 5.94 36.93
CA THR D 54 4.14 5.06 37.91
C THR D 54 4.74 3.68 37.70
N PRO D 55 5.56 3.24 38.67
CA PRO D 55 6.08 1.88 38.54
C PRO D 55 4.99 0.86 38.76
N LEU D 56 5.18 -0.32 38.17
CA LEU D 56 4.25 -1.41 38.32
C LEU D 56 4.88 -2.35 39.34
N PRO D 57 4.06 -2.95 40.21
CA PRO D 57 4.62 -3.81 41.27
C PRO D 57 5.38 -4.99 40.67
N MET D 58 6.34 -5.54 41.40
CA MET D 58 7.15 -6.63 40.84
C MET D 58 6.35 -7.90 40.57
N ASP D 59 5.27 -8.12 41.32
CA ASP D 59 4.51 -9.36 41.12
C ASP D 59 3.84 -9.42 39.74
N VAL D 60 3.36 -8.29 39.24
CA VAL D 60 2.71 -8.27 37.92
C VAL D 60 3.80 -8.22 36.86
N PHE D 61 4.92 -7.61 37.17
CA PHE D 61 6.05 -7.65 36.25
C PHE D 61 6.47 -9.09 36.01
N GLU D 62 6.57 -9.86 37.08
CA GLU D 62 7.00 -11.25 36.97
C GLU D 62 5.92 -12.12 36.29
N LYS D 63 4.64 -11.86 36.56
CA LYS D 63 3.54 -12.55 35.86
C LYS D 63 3.60 -12.31 34.34
N GLN D 64 3.85 -11.07 33.92
CA GLN D 64 4.01 -10.79 32.50
C GLN D 64 5.18 -11.53 31.89
N LEU D 65 6.32 -11.49 32.57
CA LEU D 65 7.49 -12.25 32.13
C LEU D 65 7.20 -13.74 31.91
N GLU D 66 6.53 -14.39 32.86
CA GLU D 66 6.26 -15.87 32.76
C GLU D 66 5.48 -16.18 31.46
N THR D 67 4.46 -15.39 31.20
CA THR D 67 3.65 -15.54 30.00
C THR D 67 4.47 -15.35 28.72
N ALA D 68 5.18 -14.23 28.65
CA ALA D 68 5.91 -13.83 27.48
C ALA D 68 7.04 -14.79 27.26
N LEU D 69 7.68 -15.20 28.35
CA LEU D 69 8.69 -16.26 28.26
C LEU D 69 8.15 -17.60 27.80
N SER D 70 6.95 -18.00 28.23
CA SER D 70 6.42 -19.30 27.80
C SER D 70 6.17 -19.27 26.28
N ILE D 71 5.85 -18.10 25.75
CA ILE D 71 5.55 -17.97 24.34
C ILE D 71 6.83 -18.16 23.52
N GLY D 72 7.98 -17.78 24.08
CA GLY D 72 9.27 -18.00 23.42
C GLY D 72 9.71 -16.93 22.43
N PRO D 73 10.15 -15.75 22.94
CA PRO D 73 10.61 -14.68 22.06
C PRO D 73 11.90 -15.04 21.31
N ASP D 74 11.96 -14.68 20.04
CA ASP D 74 13.18 -14.87 19.24
C ASP D 74 14.21 -13.76 19.44
N ALA D 75 13.76 -12.62 19.96
CA ALA D 75 14.61 -11.45 20.22
C ALA D 75 13.96 -10.68 21.35
N ILE D 76 14.76 -10.00 22.14
CA ILE D 76 14.28 -9.18 23.25
C ILE D 76 14.94 -7.79 23.18
N LYS D 77 14.12 -6.80 23.45
CA LYS D 77 14.52 -5.44 23.55
C LYS D 77 14.17 -4.97 24.95
N THR D 78 14.99 -4.12 25.54
CA THR D 78 14.64 -3.47 26.78
C THR D 78 14.65 -1.99 26.54
N GLY D 79 13.70 -1.31 27.17
CA GLY D 79 13.59 0.10 27.19
C GLY D 79 13.60 0.63 28.62
N MET D 80 12.62 1.45 28.99
CA MET D 80 12.55 1.93 30.36
C MET D 80 12.42 0.76 31.34
N LEU D 81 13.47 0.48 32.11
CA LEU D 81 13.43 -0.56 33.15
C LEU D 81 13.19 -0.08 34.58
N GLY D 82 13.78 1.03 35.00
CA GLY D 82 13.32 1.73 36.21
C GLY D 82 13.96 1.34 37.54
N THR D 83 14.27 0.05 37.73
CA THR D 83 14.90 -0.41 39.00
C THR D 83 16.00 -1.45 38.76
N GLU D 84 16.93 -1.59 39.71
CA GLU D 84 17.99 -2.59 39.59
C GLU D 84 17.39 -3.99 39.53
N GLU D 85 16.33 -4.20 40.32
CA GLU D 85 15.65 -5.49 40.34
C GLU D 85 15.19 -5.80 38.92
N ILE D 86 14.46 -4.87 38.31
CA ILE D 86 13.98 -5.06 36.94
C ILE D 86 15.13 -5.20 35.94
N ILE D 87 16.12 -4.31 36.04
CA ILE D 87 17.31 -4.39 35.19
C ILE D 87 17.93 -5.79 35.23
N LYS D 88 18.20 -6.26 36.45
CA LYS D 88 18.76 -7.56 36.67
C LYS D 88 17.90 -8.68 36.06
N ARG D 89 16.60 -8.62 36.30
CA ARG D 89 15.70 -9.64 35.79
C ARG D 89 15.63 -9.62 34.26
N ALA D 90 15.66 -8.43 33.66
CA ALA D 90 15.62 -8.31 32.20
C ALA D 90 16.75 -9.14 31.61
N GLY D 91 17.93 -9.02 32.22
CA GLY D 91 19.10 -9.73 31.79
C GLY D 91 18.91 -11.21 31.94
N GLU D 92 18.42 -11.61 33.11
CA GLU D 92 18.25 -13.03 33.43
C GLU D 92 17.28 -13.71 32.49
N VAL D 93 16.20 -13.05 32.11
CA VAL D 93 15.24 -13.72 31.25
C VAL D 93 15.82 -13.94 29.82
N TYR D 94 16.53 -12.94 29.31
CA TYR D 94 17.18 -13.09 28.03
C TYR D 94 18.01 -14.37 28.03
N GLU D 95 18.90 -14.51 29.01
CA GLU D 95 19.75 -15.72 29.16
C GLU D 95 18.96 -17.01 29.34
N ALA D 96 17.81 -16.91 30.01
CA ALA D 96 16.95 -18.06 30.28
C ALA D 96 16.17 -18.45 29.01
N SER D 97 15.98 -17.49 28.12
CA SER D 97 15.23 -17.73 26.89
C SER D 97 16.10 -18.41 25.84
N ASN D 98 15.43 -18.82 24.75
CA ASN D 98 16.09 -19.25 23.55
C ASN D 98 16.26 -18.10 22.58
N ALA D 99 16.05 -16.87 23.03
CA ALA D 99 16.26 -15.73 22.14
C ALA D 99 17.75 -15.61 21.77
N GLN D 100 18.01 -15.19 20.54
CA GLN D 100 19.38 -15.03 20.04
C GLN D 100 19.79 -13.55 20.03
N TYR D 101 18.84 -12.63 20.13
CA TYR D 101 19.14 -11.20 20.00
C TYR D 101 18.66 -10.48 21.27
N PHE D 102 19.49 -9.60 21.82
CA PHE D 102 19.18 -8.77 22.99
C PHE D 102 19.58 -7.31 22.72
N VAL D 103 18.61 -6.44 22.54
CA VAL D 103 18.88 -5.08 22.20
C VAL D 103 18.55 -4.21 23.38
N VAL D 104 19.53 -3.49 23.92
CA VAL D 104 19.36 -2.69 25.11
C VAL D 104 19.39 -1.22 24.76
N ASP D 105 18.26 -0.57 24.95
CA ASP D 105 18.18 0.85 24.81
C ASP D 105 18.22 1.32 26.25
N PRO D 106 19.32 2.01 26.64
CA PRO D 106 19.57 2.26 28.05
C PRO D 106 18.89 3.52 28.48
N VAL D 107 17.57 3.51 28.44
CA VAL D 107 16.79 4.71 28.66
C VAL D 107 17.16 5.30 29.99
N MET D 108 17.33 6.62 29.98
CA MET D 108 17.52 7.39 31.17
C MET D 108 16.62 8.63 31.05
N VAL D 109 16.30 9.06 29.81
CA VAL D 109 15.56 10.34 29.58
C VAL D 109 14.46 10.32 28.47
N CYS D 110 13.41 11.14 28.64
CA CYS D 110 12.32 11.28 27.66
C CYS D 110 12.25 12.73 27.20
N LYS D 111 11.78 12.95 25.96
CA LYS D 111 11.57 14.30 25.40
C LYS D 111 10.33 14.95 25.96
N GLY D 112 10.26 16.28 25.92
CA GLY D 112 9.16 17.02 26.52
C GLY D 112 9.45 17.22 27.99
N ASN D 118 21.14 8.71 38.51
CA ASN D 118 21.42 7.31 38.87
C ASN D 118 22.70 6.74 38.26
N PRO D 119 23.82 6.79 39.00
CA PRO D 119 24.82 5.78 38.73
C PRO D 119 24.33 4.40 39.18
N GLY D 120 23.41 4.36 40.15
CA GLY D 120 22.74 3.12 40.57
C GLY D 120 22.27 2.29 39.38
N ASN D 121 21.28 2.81 38.66
CA ASN D 121 20.77 2.08 37.51
C ASN D 121 21.81 1.93 36.42
N THR D 122 22.65 2.96 36.26
CA THR D 122 23.75 2.90 35.31
C THR D 122 24.65 1.70 35.63
N GLU D 123 25.09 1.57 36.89
CA GLU D 123 25.96 0.46 37.27
C GLU D 123 25.28 -0.88 37.06
N ALA D 124 24.00 -0.96 37.39
CA ALA D 124 23.24 -2.18 37.14
C ALA D 124 23.12 -2.46 35.65
N MET D 125 22.93 -1.41 34.85
CA MET D 125 22.95 -1.56 33.41
C MET D 125 24.28 -2.14 32.97
N ILE D 126 25.36 -1.53 33.44
CA ILE D 126 26.75 -1.97 33.15
C ILE D 126 26.97 -3.43 33.59
N LYS D 127 26.52 -3.73 34.80
CA LYS D 127 26.74 -5.06 35.39
C LYS D 127 25.98 -6.16 34.66
N TYR D 128 24.68 -5.93 34.47
CA TYR D 128 23.74 -7.00 34.11
C TYR D 128 23.32 -7.00 32.65
N LEU D 129 23.42 -5.86 31.98
CA LEU D 129 22.89 -5.78 30.62
C LEU D 129 23.98 -5.77 29.58
N LEU D 130 24.97 -4.88 29.73
CA LEU D 130 26.01 -4.74 28.72
C LEU D 130 26.67 -6.07 28.38
N PRO D 131 26.93 -6.93 29.38
CA PRO D 131 27.55 -8.20 29.00
C PRO D 131 26.71 -9.16 28.17
N LYS D 132 25.39 -8.96 28.07
CA LYS D 132 24.56 -9.88 27.27
C LYS D 132 24.08 -9.20 26.00
N ALA D 133 24.39 -7.91 25.85
CA ALA D 133 23.77 -7.10 24.81
C ALA D 133 24.31 -7.49 23.45
N THR D 134 23.40 -7.84 22.53
CA THR D 134 23.74 -7.90 21.12
C THR D 134 24.06 -6.50 20.62
N VAL D 135 23.16 -5.57 20.90
CA VAL D 135 23.35 -4.17 20.53
C VAL D 135 22.93 -3.31 21.71
N VAL D 136 23.66 -2.22 21.94
CA VAL D 136 23.29 -1.25 22.93
C VAL D 136 23.23 0.13 22.26
N THR D 137 22.19 0.90 22.56
CA THR D 137 21.85 2.09 21.76
C THR D 137 21.71 3.42 22.54
N PRO D 138 22.73 3.80 23.33
CA PRO D 138 22.60 5.01 24.13
C PRO D 138 22.57 6.27 23.27
N ASN D 139 21.90 7.30 23.72
CA ASN D 139 22.09 8.61 23.13
C ASN D 139 23.38 9.21 23.67
N LEU D 140 23.70 10.45 23.27
CA LEU D 140 24.97 11.04 23.66
C LEU D 140 25.11 11.07 25.18
N PHE D 141 24.03 11.43 25.88
CA PHE D 141 24.06 11.54 27.33
C PHE D 141 24.29 10.19 28.02
N GLU D 142 23.62 9.15 27.52
CA GLU D 142 23.65 7.82 28.11
C GLU D 142 25.00 7.16 27.85
N ALA D 143 25.61 7.50 26.72
CA ALA D 143 26.91 6.94 26.35
C ALA D 143 28.01 7.40 27.30
N GLY D 144 27.99 8.67 27.65
CA GLY D 144 28.95 9.25 28.59
C GLY D 144 28.80 8.71 29.99
N GLN D 145 27.60 8.24 30.33
CA GLN D 145 27.34 7.65 31.64
C GLN D 145 27.85 6.23 31.63
N LEU D 146 27.40 5.49 30.62
CA LEU D 146 27.77 4.08 30.46
C LEU D 146 29.28 3.91 30.36
N SER D 147 29.96 4.87 29.75
CA SER D 147 31.42 4.81 29.58
C SER D 147 32.19 5.42 30.75
N GLY D 148 31.46 6.08 31.66
CA GLY D 148 32.04 6.85 32.74
C GLY D 148 32.91 8.02 32.29
N LEU D 149 32.80 8.42 31.01
CA LEU D 149 33.60 9.54 30.49
C LEU D 149 32.91 10.90 30.71
N GLY D 150 31.63 10.89 31.03
CA GLY D 150 30.90 12.15 31.21
C GLY D 150 30.53 12.76 29.88
N LYS D 151 30.45 14.09 29.82
CA LYS D 151 29.90 14.74 28.62
C LYS D 151 30.80 14.51 27.38
N LEU D 152 30.27 13.79 26.40
CA LEU D 152 30.96 13.54 25.14
C LEU D 152 30.69 14.69 24.18
N ASN D 153 31.76 15.29 23.62
CA ASN D 153 31.61 16.52 22.78
C ASN D 153 31.85 16.31 21.29
N SER D 154 32.32 15.11 20.91
CA SER D 154 32.88 14.89 19.57
C SER D 154 32.75 13.45 19.09
N ILE D 155 32.99 13.27 17.79
CA ILE D 155 33.08 11.96 17.18
C ILE D 155 34.17 11.14 17.86
N GLU D 156 35.30 11.78 18.17
CA GLU D 156 36.37 11.06 18.83
C GLU D 156 36.03 10.71 20.29
N ASP D 157 35.35 11.58 21.01
CA ASP D 157 34.88 11.16 22.35
C ASP D 157 33.88 9.98 22.21
N MET D 158 33.02 10.04 21.21
CA MET D 158 32.05 8.98 21.00
C MET D 158 32.77 7.67 20.67
N LYS D 159 33.89 7.76 19.93
CA LYS D 159 34.73 6.58 19.65
C LYS D 159 35.28 5.97 20.93
N LYS D 160 35.77 6.85 21.81
CA LYS D 160 36.24 6.46 23.13
C LYS D 160 35.15 5.73 23.93
N ALA D 161 33.97 6.34 24.00
CA ALA D 161 32.82 5.79 24.73
C ALA D 161 32.43 4.40 24.23
N ALA D 162 32.42 4.25 22.92
CA ALA D 162 32.04 3.00 22.26
C ALA D 162 33.01 1.84 22.55
N THR D 163 34.31 2.13 22.48
CA THR D 163 35.34 1.16 22.86
C THR D 163 35.16 0.75 24.32
N ILE D 164 34.90 1.73 25.19
CA ILE D 164 34.71 1.42 26.61
C ILE D 164 33.47 0.53 26.82
N ILE D 165 32.37 0.89 26.17
CA ILE D 165 31.12 0.14 26.29
C ILE D 165 31.23 -1.26 25.70
N PHE D 166 31.90 -1.35 24.54
CA PHE D 166 32.15 -2.61 23.91
C PHE D 166 32.99 -3.47 24.83
N ASP D 167 34.03 -2.90 25.42
CA ASP D 167 34.93 -3.67 26.27
C ASP D 167 34.22 -4.11 27.54
N LYS D 168 33.09 -3.49 27.89
CA LYS D 168 32.27 -3.94 29.03
C LYS D 168 31.28 -5.06 28.67
N GLY D 169 31.25 -5.45 27.41
CA GLY D 169 30.53 -6.67 26.99
C GLY D 169 29.60 -6.55 25.80
N ALA D 170 29.31 -5.33 25.38
CA ALA D 170 28.38 -5.16 24.29
C ALA D 170 29.08 -5.57 22.99
N GLN D 171 28.38 -6.36 22.18
CA GLN D 171 28.92 -6.80 20.91
C GLN D 171 28.87 -5.72 19.87
N HIS D 172 27.88 -4.84 19.98
CA HIS D 172 27.75 -3.78 19.01
C HIS D 172 27.23 -2.57 19.75
N VAL D 173 27.81 -1.41 19.45
CA VAL D 173 27.44 -0.17 20.11
C VAL D 173 27.05 0.86 19.03
N ILE D 174 25.95 1.58 19.22
CA ILE D 174 25.63 2.79 18.43
C ILE D 174 25.35 3.88 19.42
N ILE D 175 25.99 5.03 19.23
CA ILE D 175 25.77 6.19 20.06
C ILE D 175 25.12 7.24 19.16
N LYS D 176 23.93 7.68 19.53
CA LYS D 176 23.19 8.70 18.81
C LYS D 176 23.70 10.05 19.28
N GLY D 177 24.33 10.77 18.35
CA GLY D 177 24.93 12.06 18.65
C GLY D 177 23.86 13.12 18.71
N GLY D 178 22.70 12.83 18.11
CA GLY D 178 21.53 13.73 18.19
C GLY D 178 21.81 15.21 18.01
N LYS D 179 20.90 16.04 18.54
CA LYS D 179 21.01 17.49 18.40
C LYS D 179 22.18 18.05 19.21
N ALA D 180 22.71 17.26 20.15
CA ALA D 180 23.87 17.66 20.95
C ALA D 180 25.15 17.80 20.10
N LEU D 181 25.46 16.79 19.29
CA LEU D 181 26.71 16.78 18.53
C LEU D 181 26.68 17.79 17.40
N ASP D 182 25.72 17.63 16.49
CA ASP D 182 25.54 18.55 15.37
C ASP D 182 24.04 18.79 15.12
N GLN D 183 23.72 19.95 14.56
CA GLN D 183 22.31 20.31 14.31
C GLN D 183 21.97 20.55 12.82
N ASP D 184 22.95 20.39 11.93
CA ASP D 184 22.70 20.44 10.48
C ASP D 184 22.53 19.02 9.99
N LYS D 185 23.34 18.11 10.56
CA LYS D 185 23.27 16.70 10.24
C LYS D 185 23.17 15.88 11.52
N SER D 186 22.53 14.72 11.40
CA SER D 186 22.44 13.73 12.46
C SER D 186 23.58 12.73 12.26
N TYR D 187 24.46 12.60 13.25
CA TYR D 187 25.58 11.64 13.24
C TYR D 187 25.35 10.64 14.33
N ASP D 188 25.41 9.36 13.99
CA ASP D 188 25.62 8.34 15.00
C ASP D 188 26.88 7.58 14.70
N LEU D 189 27.46 7.03 15.75
CA LEU D 189 28.71 6.30 15.66
C LEU D 189 28.39 4.87 16.00
N TYR D 190 28.76 3.94 15.12
CA TYR D 190 28.52 2.52 15.32
C TYR D 190 29.86 1.81 15.40
N TYR D 191 29.97 0.90 16.34
CA TYR D 191 31.22 0.22 16.58
C TYR D 191 30.96 -1.24 16.81
N ASP D 192 31.76 -2.10 16.18
CA ASP D 192 31.57 -3.52 16.23
C ASP D 192 32.81 -4.24 16.78
N GLY D 193 33.74 -3.49 17.37
CA GLY D 193 34.97 -4.07 17.92
C GLY D 193 36.15 -4.02 16.98
N GLN D 194 35.88 -3.84 15.69
CA GLN D 194 36.93 -3.74 14.68
C GLN D 194 36.97 -2.39 14.02
N THR D 195 35.80 -1.86 13.67
CA THR D 195 35.75 -0.64 12.86
C THR D 195 34.68 0.33 13.32
N PHE D 196 35.03 1.61 13.27
CA PHE D 196 34.12 2.70 13.64
C PHE D 196 33.44 3.21 12.39
N TYR D 197 32.12 3.18 12.37
CA TYR D 197 31.36 3.67 11.22
C TYR D 197 30.58 4.88 11.69
N GLN D 198 30.64 5.96 10.93
CA GLN D 198 29.75 7.09 11.13
C GLN D 198 28.50 6.97 10.22
N LEU D 199 27.32 7.06 10.83
CA LEU D 199 26.05 7.06 10.08
C LEU D 199 25.45 8.46 10.05
N THR D 200 25.16 8.94 8.85
CA THR D 200 24.74 10.31 8.64
C THR D 200 23.46 10.38 7.80
N THR D 201 22.55 11.25 8.21
CA THR D 201 21.39 11.63 7.42
C THR D 201 21.20 13.12 7.60
N ASP D 202 20.47 13.73 6.67
CA ASP D 202 20.10 15.13 6.78
C ASP D 202 19.24 15.36 8.00
N MET D 203 19.13 16.63 8.36
CA MET D 203 18.10 17.06 9.29
C MET D 203 17.12 18.05 8.63
N PHE D 204 15.88 17.97 9.07
CA PHE D 204 14.78 18.77 8.52
C PHE D 204 14.06 19.53 9.65
N GLN D 205 13.69 18.82 10.71
CA GLN D 205 12.78 19.33 11.73
C GLN D 205 13.42 19.30 13.13
N TYR D 208 10.16 17.13 15.03
CA TYR D 208 9.34 16.24 15.86
C TYR D 208 9.93 14.82 15.86
N ASN D 209 10.60 14.51 16.97
CA ASN D 209 11.34 13.27 17.10
C ASN D 209 11.11 12.57 18.45
N HIS D 210 9.98 12.83 19.12
CA HIS D 210 9.59 12.03 20.29
C HIS D 210 9.41 10.56 19.89
N GLY D 211 10.11 9.68 20.60
CA GLY D 211 10.10 8.24 20.30
C GLY D 211 11.13 7.74 19.31
N ALA D 212 11.97 8.65 18.82
CA ALA D 212 13.02 8.34 17.85
C ALA D 212 13.86 7.24 18.40
N GLY D 213 14.33 7.40 19.63
CA GLY D 213 15.19 6.42 20.25
C GLY D 213 14.59 5.04 20.33
N CYS D 214 13.39 4.96 20.87
CA CYS D 214 12.74 3.67 21.03
C CYS D 214 12.50 3.05 19.67
N THR D 215 12.04 3.86 18.75
CA THR D 215 11.76 3.36 17.43
C THR D 215 13.04 2.76 16.83
N PHE D 216 14.16 3.48 16.95
CA PHE D 216 15.41 2.98 16.41
C PHE D 216 15.80 1.65 17.04
N ALA D 217 15.74 1.58 18.37
CA ALA D 217 16.06 0.33 19.07
C ALA D 217 15.08 -0.78 18.72
N ALA D 218 13.80 -0.44 18.57
CA ALA D 218 12.77 -1.41 18.19
C ALA D 218 12.99 -1.94 16.78
N ALA D 219 13.32 -1.05 15.85
CA ALA D 219 13.61 -1.45 14.45
C ALA D 219 14.84 -2.37 14.35
N THR D 220 15.86 -2.07 15.12
CA THR D 220 17.09 -2.85 15.16
C THR D 220 16.76 -4.29 15.57
N THR D 221 15.91 -4.40 16.58
CA THR D 221 15.51 -5.70 17.16
C THR D 221 14.72 -6.51 16.12
N ALA D 222 13.77 -5.87 15.48
CA ALA D 222 12.98 -6.53 14.42
C ALA D 222 13.88 -6.97 13.24
N TYR D 223 14.73 -6.07 12.77
CA TYR D 223 15.66 -6.36 11.70
C TYR D 223 16.59 -7.54 12.03
N LEU D 224 17.06 -7.61 13.26
CA LEU D 224 17.84 -8.75 13.73
C LEU D 224 16.97 -10.01 13.82
N ALA D 225 15.76 -9.88 14.35
CA ALA D 225 14.86 -11.03 14.45
C ALA D 225 14.61 -11.61 13.04
N ASN D 226 14.47 -10.73 12.05
CA ASN D 226 14.20 -11.14 10.66
C ASN D 226 15.42 -11.53 9.81
N GLY D 227 16.62 -11.51 10.38
CA GLY D 227 17.78 -12.08 9.67
C GLY D 227 18.84 -11.12 9.18
N LYS D 228 18.69 -9.80 9.39
CA LYS D 228 19.79 -8.89 9.10
C LYS D 228 20.97 -9.06 10.06
N SER D 229 22.19 -8.85 9.57
CA SER D 229 23.34 -8.77 10.45
C SER D 229 23.21 -7.52 11.30
N PRO D 230 23.91 -7.45 12.44
CA PRO D 230 23.78 -6.29 13.28
C PRO D 230 24.12 -5.00 12.50
N LYS D 231 25.14 -5.06 11.65
CA LYS D 231 25.50 -3.92 10.84
C LYS D 231 24.31 -3.47 9.97
N GLU D 232 23.77 -4.40 9.17
CA GLU D 232 22.62 -4.10 8.30
C GLU D 232 21.43 -3.65 9.11
N ALA D 233 21.23 -4.32 10.25
CA ALA D 233 20.13 -4.02 11.13
C ALA D 233 20.19 -2.56 11.63
N VAL D 234 21.37 -2.14 12.09
CA VAL D 234 21.54 -0.79 12.61
C VAL D 234 21.37 0.28 11.50
N ILE D 235 21.98 -0.01 10.35
CA ILE D 235 21.87 0.89 9.20
C ILE D 235 20.41 0.95 8.71
N SER D 236 19.76 -0.20 8.52
CA SER D 236 18.33 -0.22 8.18
C SER D 236 17.44 0.48 9.24
N ALA D 237 17.70 0.26 10.51
CA ALA D 237 16.98 0.98 11.58
C ALA D 237 17.18 2.51 11.52
N LYS D 238 18.38 2.97 11.17
CA LYS D 238 18.61 4.43 11.11
C LYS D 238 17.76 5.04 10.01
N ALA D 239 17.73 4.39 8.85
CA ALA D 239 16.85 4.77 7.73
C ALA D 239 15.36 4.76 8.15
N PHE D 240 14.96 3.68 8.82
CA PHE D 240 13.60 3.56 9.36
C PHE D 240 13.26 4.75 10.20
N VAL D 241 14.11 5.07 11.17
CA VAL D 241 13.79 6.16 12.10
C VAL D 241 13.92 7.56 11.49
N ALA D 242 14.87 7.71 10.56
CA ALA D 242 15.03 8.99 9.83
C ALA D 242 13.72 9.36 9.11
N SER D 243 13.10 8.39 8.42
CA SER D 243 11.81 8.64 7.77
CA SER D 243 11.80 8.61 7.77
C SER D 243 10.73 8.99 8.80
N ALA D 244 10.70 8.27 9.92
CA ALA D 244 9.74 8.54 10.99
C ALA D 244 9.91 9.95 11.51
N ILE D 245 11.19 10.35 11.69
CA ILE D 245 11.51 11.68 12.20
C ILE D 245 11.12 12.73 11.21
N LYS D 246 11.48 12.54 9.93
CA LYS D 246 11.13 13.54 8.92
C LYS D 246 9.64 13.84 8.86
N ASN D 247 8.82 12.79 9.04
CA ASN D 247 7.37 12.90 8.91
C ASN D 247 6.64 12.89 10.24
N GLY D 248 7.35 13.25 11.31
CA GLY D 248 6.76 13.43 12.64
C GLY D 248 5.79 14.59 12.57
N TRP D 249 4.92 14.74 13.57
CA TRP D 249 3.86 15.75 13.55
C TRP D 249 3.69 16.45 14.91
N LYS D 250 3.18 17.68 14.90
CA LYS D 250 3.03 18.45 16.12
C LYS D 250 1.85 17.95 16.95
N MET D 251 2.12 17.49 18.17
CA MET D 251 1.09 16.95 19.07
C MET D 251 0.54 18.02 19.98
N ASN D 252 1.44 18.84 20.51
CA ASN D 252 1.06 20.03 21.27
C ASN D 252 2.26 20.98 21.29
N ASP D 253 2.21 21.94 22.19
CA ASP D 253 3.24 22.97 22.31
C ASP D 253 4.60 22.46 22.77
N PHE D 254 4.63 21.23 23.29
CA PHE D 254 5.81 20.68 23.94
C PHE D 254 6.49 19.59 23.12
N VAL D 255 5.72 18.88 22.30
CA VAL D 255 6.16 17.60 21.76
C VAL D 255 5.49 17.27 20.41
N GLY D 256 6.15 16.45 19.62
CA GLY D 256 5.56 15.81 18.46
C GLY D 256 6.18 14.44 18.24
N PRO D 257 5.36 13.41 18.05
CA PRO D 257 5.97 12.10 17.85
C PRO D 257 6.48 11.87 16.45
N VAL D 258 7.37 10.90 16.32
CA VAL D 258 7.75 10.42 15.03
C VAL D 258 6.55 9.70 14.41
N ASP D 259 6.54 9.58 13.08
CA ASP D 259 5.56 8.76 12.39
C ASP D 259 6.15 7.39 12.11
N HIS D 260 5.84 6.44 12.98
CA HIS D 260 6.45 5.10 12.95
C HIS D 260 6.20 4.39 11.62
N GLY D 261 5.09 4.72 10.97
CA GLY D 261 4.78 4.13 9.66
C GLY D 261 5.38 4.78 8.41
N ALA D 262 6.19 5.83 8.58
CA ALA D 262 6.66 6.63 7.44
C ALA D 262 7.55 5.91 6.44
N TYR D 263 8.44 5.04 6.94
CA TYR D 263 9.34 4.34 6.09
C TYR D 263 8.57 3.52 5.05
N ASN D 264 7.56 2.81 5.50
CA ASN D 264 6.78 2.00 4.60
C ASN D 264 5.74 2.77 3.81
N ARG D 265 5.19 3.84 4.38
CA ARG D 265 4.03 4.51 3.75
C ARG D 265 4.38 5.80 2.98
N ILE D 266 5.46 6.48 3.39
CA ILE D 266 5.82 7.78 2.82
C ILE D 266 7.12 7.75 2.00
N GLU D 267 8.25 7.36 2.61
CA GLU D 267 9.56 7.45 1.92
C GLU D 267 10.70 6.76 2.65
N HIS D 268 11.74 6.38 1.92
CA HIS D 268 13.01 5.93 2.51
C HIS D 268 13.99 7.10 2.48
N ILE D 269 14.72 7.33 3.58
CA ILE D 269 15.76 8.37 3.66
C ILE D 269 17.14 7.73 3.60
N ASP D 270 18.04 8.36 2.87
CA ASP D 270 19.38 7.83 2.67
C ASP D 270 20.21 8.07 3.92
N VAL D 271 20.93 7.03 4.32
CA VAL D 271 21.87 7.06 5.42
C VAL D 271 23.26 6.91 4.79
N GLU D 272 24.11 7.94 4.90
CA GLU D 272 25.49 7.82 4.45
C GLU D 272 26.32 7.19 5.56
N VAL D 273 27.11 6.19 5.18
CA VAL D 273 27.95 5.44 6.07
C VAL D 273 29.39 5.63 5.64
N THR D 274 30.28 5.88 6.59
CA THR D 274 31.69 6.13 6.30
C THR D 274 32.51 5.67 7.48
N GLU D 275 33.74 5.25 7.21
CA GLU D 275 34.67 4.89 8.27
C GLU D 275 35.34 6.14 8.84
N VAL D 276 35.39 6.22 10.16
CA VAL D 276 36.07 7.33 10.85
C VAL D 276 36.93 6.78 11.96
OP4 UEG E . -10.64 -10.67 23.64
C5A UEG E . -11.08 -9.99 24.83
C5 UEG E . -9.93 -9.39 25.61
C6 UEG E . -9.86 -7.98 25.70
N1 UEG E . -8.89 -7.33 26.38
C2 UEG E . -7.92 -8.03 27.01
C3 UEG E . -7.93 -9.40 26.93
C4 UEG E . -8.88 -10.08 26.21
C4A UEG E . -8.75 -11.52 26.41
O4A UEG E . -7.75 -12.17 26.03
O3 UEG E . -6.93 -10.10 27.57
C2A UEG E . -6.82 -7.32 27.75
S SO4 F . -14.66 -12.29 20.24
O1 SO4 F . -13.20 -12.45 20.07
O2 SO4 F . -15.29 -13.45 20.84
O3 SO4 F . -15.28 -12.07 18.90
O4 SO4 F . -14.92 -11.12 21.13
S SO4 G . -9.33 17.62 19.15
O1 SO4 G . -7.92 18.06 19.35
O2 SO4 G . -9.43 16.83 17.90
O3 SO4 G . -10.23 18.80 19.08
O4 SO4 G . -9.73 16.81 20.32
OP4 PXL H . -13.13 -8.75 -15.92
OP4 PXL H . -13.34 -6.86 -16.96
C5A PXL H . -12.80 -7.36 -16.13
C5A PXL H . -12.62 -7.73 -16.07
C5 PXL H . -11.65 -6.82 -15.30
C5 PXL H . -11.59 -6.96 -15.29
C6 PXL H . -11.63 -5.43 -15.14
C6 PXL H . -11.73 -5.59 -15.07
N1 PXL H . -10.66 -4.82 -14.42
N1 PXL H . -10.80 -4.94 -14.37
C2 PXL H . -9.67 -5.58 -13.85
C2 PXL H . -9.71 -5.59 -13.86
C3 PXL H . -9.64 -6.94 -14.02
C3 PXL H . -9.54 -6.94 -14.08
C4 PXL H . -10.58 -7.58 -14.76
C4 PXL H . -10.48 -7.63 -14.80
C4A PXL H . -10.44 -9.05 -14.66
C4A PXL H . -10.33 -9.06 -15.06
O4A PXL H . -11.47 -9.69 -14.53
O4A PXL H . -11.15 -9.59 -15.79
O3 PXL H . -8.64 -7.70 -13.48
O3 PXL H . -8.44 -7.58 -13.58
C2A PXL H . -8.55 -4.91 -13.08
C2A PXL H . -8.67 -4.82 -13.09
S SO4 I . -16.84 -9.24 -20.42
O1 SO4 I . -16.60 -8.01 -19.59
O2 SO4 I . -15.54 -9.88 -20.84
O3 SO4 I . -17.53 -8.81 -21.65
O4 SO4 I . -17.64 -10.22 -19.68
OP4 UEG J . 9.96 10.35 -16.77
C5A UEG J . 10.45 9.95 -15.47
C5 UEG J . 9.37 9.18 -14.73
C6 UEG J . 9.36 7.79 -14.69
N1 UEG J . 8.40 7.12 -14.02
C2 UEG J . 7.41 7.77 -13.39
C3 UEG J . 7.38 9.14 -13.42
C4 UEG J . 8.33 9.83 -14.10
C4A UEG J . 8.20 11.30 -13.95
O4A UEG J . 7.32 11.85 -14.60
O3 UEG J . 6.38 9.82 -12.78
C2A UEG J . 6.32 7.06 -12.65
OP4 UEG K . 11.78 7.95 24.90
C5A UEG K . 12.16 7.19 26.03
C5 UEG K . 10.99 6.49 26.68
C6 UEG K . 10.95 5.11 26.78
N1 UEG K . 9.91 4.53 27.37
C2 UEG K . 8.87 5.24 27.89
C3 UEG K . 8.87 6.59 27.82
C4 UEG K . 9.92 7.19 27.17
C4A UEG K . 9.90 8.63 27.21
O4A UEG K . 9.25 9.34 26.50
O3 UEG K . 7.84 7.32 28.34
C2A UEG K . 7.68 4.60 28.55
S SO4 L . 16.83 9.51 22.13
O1 SO4 L . 17.32 10.87 22.49
O2 SO4 L . 17.75 8.88 21.16
O3 SO4 L . 15.47 9.62 21.52
O4 SO4 L . 16.76 8.65 23.32
#